data_4B5D
#
_entry.id   4B5D
#
_cell.length_a   81.359
_cell.length_b   114.284
_cell.length_c   135.793
_cell.angle_alpha   90.00
_cell.angle_beta   90.00
_cell.angle_gamma   90.00
#
_symmetry.space_group_name_H-M   'P 21 21 21'
#
loop_
_entity.id
_entity.type
_entity.pdbx_description
1 polymer 'CAPITELLA TELETA ACHBP'
2 branched 2-acetamido-2-deoxy-beta-D-glucopyranose-(1-4)-2-acetamido-2-deoxy-beta-D-glucopyranose
3 non-polymer 2-[(1R,2S)-2-[5-[[(2S)-azetidin-2-yl]methoxy]pyridin-3-yl]cyclopropyl]ethanol
4 non-polymer 2-acetamido-2-deoxy-beta-D-glucopyranose
5 water water
#
_entity_poly.entity_id   1
_entity_poly.type   'polypeptide(L)'
_entity_poly.pdbx_seq_one_letter_code
;SNGLMAKRLRRELLNTYEQLGKSGLPFLDDIGKVDVKFGLSLQLLKSIEQRGMGFNSIGTFKAIVKLSWVDTILRWDPEP
PFDFQKIEISPDEIWTPDIKLFNSVDLDMTLDRTTQAIVFSNGTVLWIPPAVLKVLCVSQDDVDSCHFQFGSWVYSVDEV
DIHFMDDKAEVLLDFYQDSLEILENSAQRQEVVYPCCESAYVEMKYLLALRSENGNSTYSRDLAHHHHHH
;
_entity_poly.pdbx_strand_id   A,B,C,D,E
#
# COMPACT_ATOMS: atom_id res chain seq x y z
N ASN A 2 -33.98 17.82 1.19
CA ASN A 2 -34.14 16.42 0.81
C ASN A 2 -32.81 15.68 0.55
N GLY A 3 -32.68 14.49 1.13
CA GLY A 3 -31.44 13.74 1.03
C GLY A 3 -31.08 13.36 -0.39
N LEU A 4 -32.09 13.01 -1.17
CA LEU A 4 -31.88 12.60 -2.55
C LEU A 4 -31.32 13.74 -3.41
N MET A 5 -31.93 14.91 -3.28
CA MET A 5 -31.48 16.06 -4.03
C MET A 5 -30.06 16.47 -3.69
N ALA A 6 -29.64 16.22 -2.45
CA ALA A 6 -28.28 16.55 -2.04
C ALA A 6 -27.27 15.70 -2.79
N LYS A 7 -27.63 14.45 -3.04
CA LYS A 7 -26.72 13.57 -3.76
C LYS A 7 -26.73 13.87 -5.27
N ARG A 8 -27.90 14.23 -5.79
CA ARG A 8 -28.02 14.59 -7.20
C ARG A 8 -27.15 15.80 -7.48
N LEU A 9 -27.22 16.78 -6.58
CA LEU A 9 -26.42 18.00 -6.72
C LEU A 9 -24.93 17.65 -6.77
N ARG A 10 -24.50 16.76 -5.89
CA ARG A 10 -23.09 16.40 -5.88
C ARG A 10 -22.71 15.71 -7.18
N ARG A 11 -23.51 14.74 -7.62
CA ARG A 11 -23.26 14.04 -8.88
C ARG A 11 -23.14 15.02 -10.05
N GLU A 12 -24.02 16.02 -10.04
CA GLU A 12 -24.07 17.04 -11.08
C GLU A 12 -22.82 17.93 -11.04
N LEU A 13 -22.37 18.31 -9.85
CA LEU A 13 -21.19 19.16 -9.73
C LEU A 13 -19.93 18.40 -10.16
N LEU A 14 -19.84 17.15 -9.73
CA LEU A 14 -18.68 16.31 -10.01
C LEU A 14 -18.66 15.76 -11.42
N ASN A 15 -19.76 15.94 -12.15
CA ASN A 15 -19.79 15.47 -13.52
C ASN A 15 -18.68 16.08 -14.37
N THR A 16 -18.38 17.35 -14.15
CA THR A 16 -17.33 18.04 -14.90
C THR A 16 -15.95 17.39 -14.73
N TYR A 17 -15.60 17.06 -13.49
CA TYR A 17 -14.34 16.37 -13.20
C TYR A 17 -14.31 14.92 -13.70
N GLU A 18 -15.48 14.29 -13.79
CA GLU A 18 -15.55 12.90 -14.23
C GLU A 18 -15.30 12.77 -15.73
N GLN A 19 -15.86 13.70 -16.51
CA GLN A 19 -15.63 13.77 -17.95
C GLN A 19 -14.25 14.35 -18.32
N LEU A 20 -13.91 15.51 -17.75
CA LEU A 20 -12.71 16.25 -18.15
C LEU A 20 -11.44 15.95 -17.35
N GLY A 21 -11.60 15.37 -16.16
CA GLY A 21 -10.46 15.07 -15.32
C GLY A 21 -10.21 16.14 -14.27
N LYS A 22 -9.38 15.80 -13.29
CA LYS A 22 -9.11 16.67 -12.14
C LYS A 22 -7.87 17.55 -12.35
N SER A 23 -7.07 17.22 -13.37
CA SER A 23 -5.86 17.99 -13.68
C SER A 23 -6.23 19.37 -14.22
N GLY A 24 -5.39 20.35 -13.92
CA GLY A 24 -5.60 21.70 -14.42
C GLY A 24 -6.30 22.61 -13.41
N LEU A 25 -5.96 23.89 -13.47
CA LEU A 25 -6.53 24.87 -12.55
C LEU A 25 -8.05 24.88 -12.63
N PRO A 26 -8.72 25.03 -11.49
CA PRO A 26 -10.19 24.86 -11.45
C PRO A 26 -10.97 26.06 -12.01
N PHE A 27 -10.85 26.28 -13.32
CA PHE A 27 -11.61 27.29 -14.02
C PHE A 27 -12.17 26.68 -15.30
N LEU A 28 -13.41 27.02 -15.65
CA LEU A 28 -13.94 26.63 -16.97
C LEU A 28 -14.03 27.82 -17.94
N ASP A 29 -14.32 29.00 -17.41
CA ASP A 29 -14.21 30.21 -18.21
C ASP A 29 -12.74 30.66 -18.21
N ASP A 30 -12.51 31.95 -18.06
CA ASP A 30 -11.12 32.46 -18.04
C ASP A 30 -10.33 31.91 -16.86
N ILE A 31 -9.10 31.48 -17.15
CA ILE A 31 -8.18 30.95 -16.16
C ILE A 31 -7.61 32.07 -15.31
N GLY A 32 -7.91 32.06 -14.02
CA GLY A 32 -7.39 33.06 -13.12
C GLY A 32 -6.29 32.53 -12.21
N LYS A 33 -6.33 32.98 -10.96
CA LYS A 33 -5.32 32.62 -9.97
C LYS A 33 -6.01 31.96 -8.78
N VAL A 34 -5.54 30.77 -8.41
CA VAL A 34 -6.01 30.16 -7.19
C VAL A 34 -5.26 30.80 -6.01
N ASP A 35 -5.99 31.21 -4.97
CA ASP A 35 -5.33 31.73 -3.78
C ASP A 35 -5.61 30.80 -2.59
N VAL A 36 -4.65 29.94 -2.31
CA VAL A 36 -4.79 28.94 -1.25
C VAL A 36 -4.54 29.59 0.12
N LYS A 37 -5.47 29.40 1.06
CA LYS A 37 -5.22 29.80 2.46
C LYS A 37 -4.70 28.57 3.18
N PHE A 38 -3.58 28.74 3.88
CA PHE A 38 -2.81 27.61 4.42
C PHE A 38 -2.54 27.83 5.90
N GLY A 39 -2.85 26.81 6.69
CA GLY A 39 -2.57 26.85 8.13
C GLY A 39 -1.95 25.55 8.56
N LEU A 40 -0.97 25.66 9.44
CA LEU A 40 -0.32 24.48 10.00
C LEU A 40 -0.64 24.45 11.51
N SER A 41 -1.39 23.46 11.96
CA SER A 41 -1.76 23.31 13.37
C SER A 41 -1.06 22.10 13.99
N LEU A 42 -0.11 22.37 14.87
CA LEU A 42 0.64 21.31 15.53
C LEU A 42 -0.21 20.58 16.55
N GLN A 43 -0.20 19.25 16.49
CA GLN A 43 -0.88 18.46 17.51
C GLN A 43 0.13 17.96 18.52
N LEU A 44 1.16 17.27 18.02
CA LEU A 44 2.13 16.62 18.89
C LEU A 44 3.43 16.21 18.19
N LEU A 45 4.41 15.84 19.00
CA LEU A 45 5.70 15.39 18.52
C LEU A 45 5.74 13.88 18.70
N LYS A 46 5.94 13.14 17.62
CA LYS A 46 6.07 11.71 17.77
C LYS A 46 7.45 11.35 18.30
N SER A 47 8.49 11.96 17.74
CA SER A 47 9.85 11.58 18.07
C SER A 47 10.86 12.57 17.50
N ILE A 48 11.94 12.77 18.24
CA ILE A 48 13.11 13.42 17.66
C ILE A 48 14.33 12.55 17.92
N GLU A 49 14.96 12.14 16.82
CA GLU A 49 16.03 11.16 16.87
C GLU A 49 17.28 11.73 16.21
N GLN A 50 18.40 11.72 16.95
CA GLN A 50 19.69 12.18 16.46
C GLN A 50 20.11 11.43 15.21
N ARG A 51 20.58 12.16 14.21
CA ARG A 51 21.19 11.54 13.03
C ARG A 51 22.68 11.39 13.29
N GLY A 52 23.15 10.14 13.31
CA GLY A 52 24.52 9.84 13.65
C GLY A 52 24.88 10.39 15.03
N MET A 53 26.06 11.00 15.15
CA MET A 53 26.50 11.60 16.41
C MET A 53 26.62 13.12 16.29
N GLY A 54 25.91 13.68 15.31
CA GLY A 54 26.02 15.10 15.05
C GLY A 54 24.96 15.94 15.74
N PHE A 55 24.78 17.16 15.25
CA PHE A 55 23.84 18.08 15.88
C PHE A 55 22.50 18.10 15.18
N ASN A 56 22.37 17.33 14.10
CA ASN A 56 21.08 17.22 13.44
C ASN A 56 20.30 16.03 13.94
N SER A 57 18.99 16.10 13.76
CA SER A 57 18.12 15.04 14.14
C SER A 57 16.88 15.02 13.23
N ILE A 58 16.17 13.90 13.22
CA ILE A 58 14.97 13.81 12.41
C ILE A 58 13.78 14.03 13.34
N GLY A 59 12.98 15.05 13.04
CA GLY A 59 11.80 15.31 13.85
C GLY A 59 10.55 14.79 13.14
N THR A 60 9.75 14.00 13.83
CA THR A 60 8.50 13.49 13.24
C THR A 60 7.30 14.08 14.00
N PHE A 61 6.45 14.81 13.28
CA PHE A 61 5.35 15.54 13.90
C PHE A 61 4.01 15.05 13.38
N LYS A 62 2.99 15.22 14.22
CA LYS A 62 1.60 14.98 13.86
C LYS A 62 0.91 16.36 13.86
N ALA A 63 0.23 16.67 12.78
CA ALA A 63 -0.37 17.99 12.65
C ALA A 63 -1.66 17.93 11.88
N ILE A 64 -2.36 19.04 11.88
CA ILE A 64 -3.52 19.20 11.03
C ILE A 64 -3.16 20.26 9.99
N VAL A 65 -3.23 19.92 8.71
CA VAL A 65 -3.00 20.92 7.67
C VAL A 65 -4.33 21.52 7.25
N LYS A 66 -4.47 22.83 7.40
CA LYS A 66 -5.72 23.52 7.06
C LYS A 66 -5.61 24.20 5.69
N LEU A 67 -6.48 23.79 4.77
CA LEU A 67 -6.42 24.31 3.39
C LEU A 67 -7.75 24.88 2.97
N SER A 68 -7.69 25.98 2.22
CA SER A 68 -8.88 26.56 1.62
C SER A 68 -8.60 27.32 0.33
N TRP A 69 -9.51 27.14 -0.64
CA TRP A 69 -9.39 27.77 -1.96
C TRP A 69 -10.75 27.79 -2.66
N VAL A 70 -10.86 28.59 -3.72
CA VAL A 70 -12.06 28.68 -4.50
C VAL A 70 -12.01 27.78 -5.73
N ASP A 71 -13.02 26.93 -5.90
CA ASP A 71 -13.13 26.11 -7.10
C ASP A 71 -14.41 26.51 -7.81
N THR A 72 -14.26 27.28 -8.89
CA THR A 72 -15.40 27.88 -9.55
C THR A 72 -16.22 26.81 -10.30
N ILE A 73 -15.62 25.66 -10.55
CA ILE A 73 -16.35 24.55 -11.14
C ILE A 73 -17.41 23.97 -10.16
N LEU A 74 -17.14 24.09 -8.86
CA LEU A 74 -17.98 23.49 -7.85
C LEU A 74 -19.04 24.44 -7.29
N ARG A 75 -19.42 25.45 -8.08
CA ARG A 75 -20.38 26.43 -7.63
C ARG A 75 -21.81 26.05 -8.03
N TRP A 76 -22.76 26.39 -7.17
CA TRP A 76 -24.19 26.22 -7.49
C TRP A 76 -25.03 27.32 -6.86
N ASP A 77 -26.26 27.48 -7.35
CA ASP A 77 -27.15 28.47 -6.75
C ASP A 77 -28.09 27.80 -5.76
N PRO A 78 -27.98 28.17 -4.47
CA PRO A 78 -28.66 27.44 -3.39
C PRO A 78 -30.16 27.74 -3.26
N GLU A 79 -30.93 27.45 -4.30
CA GLU A 79 -32.38 27.55 -4.22
C GLU A 79 -33.01 26.25 -4.72
N PRO A 80 -34.18 25.88 -4.16
CA PRO A 80 -34.84 24.58 -4.40
C PRO A 80 -34.86 24.13 -5.86
N PRO A 81 -34.68 22.82 -6.10
CA PRO A 81 -34.59 21.76 -5.10
C PRO A 81 -33.18 21.53 -4.52
N PHE A 82 -32.20 22.33 -4.95
CA PHE A 82 -30.83 22.22 -4.47
C PHE A 82 -30.47 23.34 -3.49
N ASP A 83 -31.25 23.48 -2.42
CA ASP A 83 -31.04 24.54 -1.43
C ASP A 83 -30.18 24.09 -0.25
N PHE A 84 -28.90 23.92 -0.53
CA PHE A 84 -27.94 23.48 0.47
C PHE A 84 -26.88 24.56 0.53
N GLN A 85 -26.42 24.88 1.73
CA GLN A 85 -25.37 25.89 1.85
C GLN A 85 -24.00 25.28 1.66
N LYS A 86 -23.89 23.98 1.91
CA LYS A 86 -22.62 23.27 1.74
C LYS A 86 -22.80 21.79 1.44
N ILE A 87 -21.75 21.17 0.92
CA ILE A 87 -21.81 19.74 0.65
C ILE A 87 -20.44 19.11 0.91
N GLU A 88 -20.43 17.86 1.37
CA GLU A 88 -19.18 17.17 1.63
C GLU A 88 -18.74 16.40 0.40
N ILE A 89 -17.45 16.44 0.09
CA ILE A 89 -16.90 15.73 -1.06
C ILE A 89 -15.52 15.15 -0.76
N SER A 90 -15.17 14.08 -1.48
CA SER A 90 -13.89 13.44 -1.33
C SER A 90 -12.88 14.26 -2.11
N PRO A 91 -11.70 14.52 -1.51
CA PRO A 91 -10.68 15.36 -2.17
C PRO A 91 -10.05 14.65 -3.38
N ASP A 92 -10.29 13.35 -3.52
CA ASP A 92 -9.82 12.59 -4.67
C ASP A 92 -10.80 12.64 -5.82
N GLU A 93 -11.89 13.36 -5.63
CA GLU A 93 -12.84 13.54 -6.71
C GLU A 93 -12.73 14.94 -7.33
N ILE A 94 -11.92 15.80 -6.74
CA ILE A 94 -11.81 17.17 -7.23
C ILE A 94 -10.35 17.57 -7.38
N TRP A 95 -10.11 18.73 -7.99
CA TRP A 95 -8.77 19.31 -8.00
C TRP A 95 -8.38 19.69 -6.58
N THR A 96 -7.15 19.38 -6.20
CA THR A 96 -6.58 19.90 -4.96
C THR A 96 -5.21 20.49 -5.28
N PRO A 97 -4.78 21.53 -4.53
CA PRO A 97 -3.47 22.14 -4.75
C PRO A 97 -2.33 21.12 -4.56
N ASP A 98 -1.38 21.05 -5.49
CA ASP A 98 -0.25 20.13 -5.36
C ASP A 98 0.78 20.61 -4.31
N ILE A 99 0.33 20.92 -3.10
CA ILE A 99 1.22 21.45 -2.07
C ILE A 99 2.05 20.37 -1.39
N LYS A 100 3.37 20.51 -1.42
CA LYS A 100 4.27 19.52 -0.83
C LYS A 100 5.05 20.14 0.32
N LEU A 101 5.49 19.27 1.25
CA LEU A 101 6.53 19.60 2.21
C LEU A 101 7.87 19.39 1.53
N PHE A 102 8.48 20.51 1.10
CA PHE A 102 9.69 20.43 0.28
C PHE A 102 10.80 19.71 1.02
N ASN A 103 10.95 20.02 2.31
CA ASN A 103 12.12 19.56 3.04
C ASN A 103 11.83 18.27 3.81
N SER A 104 10.80 17.57 3.37
CA SER A 104 10.52 16.24 3.88
C SER A 104 11.75 15.35 3.79
N VAL A 105 12.01 14.59 4.85
CA VAL A 105 13.04 13.58 4.84
C VAL A 105 12.58 12.32 4.08
N ASP A 106 11.26 12.13 4.04
CA ASP A 106 10.65 11.12 3.17
C ASP A 106 10.22 11.78 1.87
N LEU A 107 9.49 11.04 1.03
CA LEU A 107 9.05 11.54 -0.27
C LEU A 107 8.30 12.85 -0.14
N ASP A 108 7.47 12.93 0.89
CA ASP A 108 6.60 14.10 1.10
C ASP A 108 5.96 13.91 2.46
N MET A 109 5.29 14.93 2.95
CA MET A 109 4.41 14.76 4.09
C MET A 109 3.28 13.84 3.63
N THR A 110 2.65 13.16 4.58
CA THR A 110 1.52 12.34 4.22
C THR A 110 0.25 13.00 4.79
N LEU A 111 -0.69 13.32 3.91
CA LEU A 111 -1.96 13.87 4.31
C LEU A 111 -2.96 12.72 4.29
N ASP A 112 -3.92 12.72 5.21
CA ASP A 112 -4.93 11.67 5.21
C ASP A 112 -6.04 12.01 4.21
N ARG A 113 -5.99 11.41 3.03
CA ARG A 113 -6.90 11.76 1.94
C ARG A 113 -8.28 11.06 2.01
N THR A 114 -8.52 10.24 3.03
CA THR A 114 -9.89 9.74 3.24
C THR A 114 -10.75 10.79 3.93
N THR A 115 -10.09 11.83 4.44
CA THR A 115 -10.75 12.95 5.11
C THR A 115 -11.55 13.78 4.12
N GLN A 116 -12.85 13.96 4.37
CA GLN A 116 -13.69 14.69 3.41
C GLN A 116 -13.39 16.17 3.40
N ALA A 117 -13.60 16.81 2.25
CA ALA A 117 -13.55 18.28 2.18
C ALA A 117 -14.97 18.80 2.26
N ILE A 118 -15.11 20.10 2.52
CA ILE A 118 -16.42 20.72 2.48
C ILE A 118 -16.41 21.77 1.37
N VAL A 119 -17.46 21.80 0.54
CA VAL A 119 -17.63 22.88 -0.43
C VAL A 119 -18.91 23.67 -0.15
N PHE A 120 -18.77 25.00 -0.06
CA PHE A 120 -19.91 25.88 0.13
C PHE A 120 -20.47 26.20 -1.25
N SER A 121 -21.72 26.65 -1.30
CA SER A 121 -22.39 26.95 -2.58
C SER A 121 -21.65 27.99 -3.44
N ASN A 122 -20.88 28.87 -2.81
CA ASN A 122 -20.05 29.85 -3.56
C ASN A 122 -18.76 29.27 -4.17
N GLY A 123 -18.50 27.98 -3.95
CA GLY A 123 -17.34 27.32 -4.53
C GLY A 123 -16.12 27.27 -3.64
N THR A 124 -16.15 27.99 -2.52
CA THR A 124 -15.08 27.88 -1.55
C THR A 124 -14.96 26.46 -0.99
N VAL A 125 -13.75 25.90 -1.09
CA VAL A 125 -13.47 24.58 -0.55
C VAL A 125 -12.69 24.70 0.75
N LEU A 126 -13.10 23.91 1.75
CA LEU A 126 -12.37 23.80 3.01
C LEU A 126 -12.00 22.34 3.23
N TRP A 127 -10.72 22.08 3.41
CA TRP A 127 -10.22 20.73 3.58
C TRP A 127 -9.15 20.76 4.65
N ILE A 128 -9.33 19.93 5.66
CA ILE A 128 -8.53 20.03 6.88
C ILE A 128 -7.97 18.63 7.25
N PRO A 129 -7.11 18.06 6.39
CA PRO A 129 -6.65 16.69 6.70
C PRO A 129 -5.63 16.62 7.84
N PRO A 130 -5.74 15.59 8.70
CA PRO A 130 -4.57 15.30 9.56
C PRO A 130 -3.32 14.98 8.69
N ALA A 131 -2.13 15.17 9.25
CA ALA A 131 -0.89 15.08 8.48
C ALA A 131 0.24 14.57 9.36
N VAL A 132 1.19 13.86 8.74
CA VAL A 132 2.43 13.47 9.42
C VAL A 132 3.59 14.13 8.67
N LEU A 133 4.48 14.76 9.42
CA LEU A 133 5.59 15.52 8.83
C LEU A 133 6.92 15.12 9.46
N LYS A 134 7.92 14.87 8.62
CA LYS A 134 9.22 14.41 9.08
C LYS A 134 10.32 15.31 8.47
N VAL A 135 11.08 16.02 9.30
CA VAL A 135 12.01 17.03 8.81
C VAL A 135 13.32 16.98 9.57
N LEU A 136 14.37 17.58 8.99
CA LEU A 136 15.62 17.78 9.72
C LEU A 136 15.51 18.88 10.78
N CYS A 137 16.01 18.58 11.97
CA CYS A 137 16.04 19.55 13.03
C CYS A 137 17.49 19.73 13.48
N VAL A 138 17.75 20.86 14.12
CA VAL A 138 19.01 21.07 14.82
C VAL A 138 18.74 20.95 16.32
N SER A 139 19.49 20.06 16.96
CA SER A 139 19.30 19.75 18.37
C SER A 139 20.56 20.12 19.11
N GLN A 140 20.57 21.31 19.70
CA GLN A 140 21.73 21.85 20.38
C GLN A 140 21.34 22.74 21.57
N ASP A 141 22.05 22.57 22.68
CA ASP A 141 21.80 23.32 23.91
C ASP A 141 20.38 23.10 24.46
N ASP A 142 19.94 21.85 24.46
CA ASP A 142 18.58 21.51 24.92
C ASP A 142 17.46 22.23 24.17
N VAL A 143 17.73 22.62 22.93
CA VAL A 143 16.71 23.17 22.06
C VAL A 143 16.67 22.38 20.76
N ASP A 144 15.46 22.00 20.33
CA ASP A 144 15.25 21.39 19.01
C ASP A 144 14.63 22.41 18.06
N SER A 145 15.40 22.86 17.06
CA SER A 145 14.90 23.79 16.05
C SER A 145 14.57 23.07 14.75
N CYS A 146 13.31 23.17 14.33
CA CYS A 146 12.84 22.43 13.14
C CYS A 146 12.21 23.40 12.15
N HIS A 147 12.47 23.20 10.87
CA HIS A 147 11.92 24.07 9.84
C HIS A 147 10.92 23.28 9.04
N PHE A 148 9.92 23.96 8.49
CA PHE A 148 8.98 23.33 7.58
C PHE A 148 8.78 24.25 6.36
N GLN A 149 8.91 23.68 5.17
CA GLN A 149 8.82 24.48 3.94
C GLN A 149 7.76 23.88 2.99
N PHE A 150 6.71 24.66 2.72
CA PHE A 150 5.60 24.20 1.89
C PHE A 150 5.41 25.08 0.65
N GLY A 151 5.00 24.47 -0.45
CA GLY A 151 4.63 25.21 -1.65
C GLY A 151 4.01 24.30 -2.69
N SER A 152 3.40 24.92 -3.70
CA SER A 152 2.94 24.22 -4.90
C SER A 152 4.17 23.73 -5.63
N TRP A 153 4.19 22.48 -6.07
CA TRP A 153 5.38 21.98 -6.75
C TRP A 153 5.53 22.59 -8.15
N VAL A 154 4.46 22.58 -8.94
CA VAL A 154 4.56 23.01 -10.33
C VAL A 154 3.98 24.40 -10.68
N TYR A 155 3.12 24.97 -9.84
CA TYR A 155 2.46 26.24 -10.21
C TYR A 155 3.13 27.46 -9.57
N SER A 156 3.49 28.44 -10.40
CA SER A 156 4.07 29.70 -9.93
C SER A 156 3.02 30.62 -9.31
N VAL A 157 3.48 31.77 -8.82
CA VAL A 157 2.65 32.77 -8.16
C VAL A 157 1.51 33.30 -9.03
N ASP A 158 1.70 33.29 -10.35
CA ASP A 158 0.66 33.71 -11.29
C ASP A 158 -0.48 32.70 -11.43
N GLU A 159 -0.29 31.49 -10.91
CA GLU A 159 -1.26 30.39 -11.09
C GLU A 159 -1.82 29.90 -9.77
N VAL A 160 -0.93 29.65 -8.81
CA VAL A 160 -1.32 29.31 -7.45
C VAL A 160 -0.57 30.18 -6.44
N ASP A 161 -1.33 31.01 -5.72
CA ASP A 161 -0.78 31.82 -4.64
C ASP A 161 -1.14 31.14 -3.31
N ILE A 162 -0.41 31.46 -2.26
CA ILE A 162 -0.68 30.89 -0.93
C ILE A 162 -0.52 32.02 0.09
N HIS A 163 -1.48 32.14 1.02
CA HIS A 163 -1.36 33.08 2.13
C HIS A 163 -1.69 32.35 3.42
N PHE A 164 -1.10 32.81 4.52
CA PHE A 164 -1.42 32.25 5.82
C PHE A 164 -2.92 32.35 6.11
N MET A 165 -3.51 31.26 6.57
CA MET A 165 -4.89 31.28 6.98
C MET A 165 -5.04 32.29 8.11
N ASP A 166 -6.08 33.13 8.01
CA ASP A 166 -6.31 34.23 8.94
C ASP A 166 -5.10 35.15 9.08
N ASP A 167 -4.19 35.12 8.12
CA ASP A 167 -2.95 35.92 8.18
C ASP A 167 -2.09 35.66 9.42
N LYS A 168 -2.24 34.48 10.02
CA LYS A 168 -1.41 34.11 11.17
C LYS A 168 -0.10 33.52 10.66
N ALA A 169 0.96 34.30 10.68
CA ALA A 169 2.27 33.81 10.26
C ALA A 169 2.94 33.02 11.40
N GLU A 170 2.39 31.85 11.71
CA GLU A 170 2.87 31.07 12.83
C GLU A 170 2.29 29.69 12.74
N VAL A 171 2.93 28.73 13.41
CA VAL A 171 2.33 27.43 13.60
C VAL A 171 1.13 27.62 14.52
N LEU A 172 -0.03 27.11 14.14
CA LEU A 172 -1.22 27.33 14.96
C LEU A 172 -1.33 26.30 16.07
N LEU A 173 -1.92 26.71 17.19
CA LEU A 173 -1.95 25.87 18.37
C LEU A 173 -3.37 25.52 18.78
N ASP A 174 -4.32 25.66 17.87
CA ASP A 174 -5.71 25.34 18.22
C ASP A 174 -5.92 23.83 18.47
N PHE A 175 -5.04 22.98 17.95
CA PHE A 175 -5.20 21.53 18.13
C PHE A 175 -4.06 20.97 18.97
N TYR A 176 -3.26 21.85 19.58
CA TYR A 176 -2.05 21.41 20.28
C TYR A 176 -2.40 20.55 21.48
N GLN A 177 -1.82 19.35 21.55
CA GLN A 177 -2.12 18.39 22.61
C GLN A 177 -0.88 17.84 23.29
N ASP A 178 0.25 18.53 23.18
CA ASP A 178 1.47 17.97 23.74
C ASP A 178 1.88 18.70 25.03
N SER A 179 2.94 18.23 25.67
CA SER A 179 3.42 18.85 26.90
C SER A 179 4.73 19.64 26.68
N LEU A 180 5.10 19.87 25.43
CA LEU A 180 6.38 20.49 25.13
C LEU A 180 6.38 22.02 25.22
N GLU A 181 7.49 22.58 25.68
CA GLU A 181 7.67 24.02 25.77
C GLU A 181 8.07 24.56 24.39
N ILE A 182 7.27 25.45 23.83
CA ILE A 182 7.61 26.09 22.54
C ILE A 182 8.45 27.36 22.76
N LEU A 183 9.65 27.43 22.16
CA LEU A 183 10.57 28.54 22.43
C LEU A 183 10.65 29.54 21.31
N GLU A 184 10.23 29.12 20.12
CA GLU A 184 10.15 30.01 18.98
C GLU A 184 9.14 29.46 18.00
N ASN A 185 8.35 30.36 17.45
CA ASN A 185 7.26 29.97 16.55
C ASN A 185 7.08 31.08 15.54
N SER A 186 7.73 30.93 14.39
CA SER A 186 7.76 32.01 13.42
C SER A 186 7.54 31.48 12.02
N ALA A 187 7.05 32.35 11.14
CA ALA A 187 6.84 31.96 9.76
C ALA A 187 6.87 33.12 8.80
N GLN A 188 7.10 32.78 7.55
CA GLN A 188 7.30 33.77 6.52
C GLN A 188 6.84 33.21 5.19
N ARG A 189 6.10 34.03 4.46
CA ARG A 189 5.72 33.75 3.09
C ARG A 189 6.75 34.36 2.15
N GLN A 190 7.27 33.55 1.22
CA GLN A 190 8.32 33.98 0.29
C GLN A 190 7.95 33.67 -1.14
N GLU A 191 8.31 34.58 -2.03
CA GLU A 191 8.27 34.33 -3.47
C GLU A 191 9.67 33.99 -3.95
N VAL A 192 9.85 32.75 -4.40
CA VAL A 192 11.18 32.22 -4.69
C VAL A 192 11.32 31.95 -6.19
N VAL A 193 12.46 32.35 -6.75
CA VAL A 193 12.76 32.14 -8.17
C VAL A 193 13.78 31.02 -8.33
N TYR A 194 13.54 30.12 -9.27
CA TYR A 194 14.38 28.95 -9.43
C TYR A 194 15.14 28.94 -10.76
N PRO A 195 16.27 28.21 -10.82
CA PRO A 195 17.04 28.15 -12.08
C PRO A 195 16.38 27.25 -13.13
N CYS A 196 15.77 26.14 -12.70
CA CYS A 196 15.09 25.22 -13.62
C CYS A 196 13.91 25.89 -14.33
N CYS A 197 13.44 26.98 -13.74
CA CYS A 197 12.14 27.56 -14.08
C CYS A 197 12.30 29.06 -14.37
N GLU A 198 11.19 29.75 -14.61
CA GLU A 198 11.25 31.12 -15.12
C GLU A 198 10.53 32.20 -14.30
N SER A 199 9.50 31.80 -13.55
CA SER A 199 8.74 32.75 -12.75
C SER A 199 9.02 32.57 -11.25
N ALA A 200 8.18 33.17 -10.41
CA ALA A 200 8.33 33.00 -8.96
C ALA A 200 7.33 32.02 -8.36
N TYR A 201 7.80 31.26 -7.37
CA TYR A 201 6.99 30.27 -6.69
C TYR A 201 6.82 30.67 -5.23
N VAL A 202 5.62 30.47 -4.71
CA VAL A 202 5.33 30.92 -3.37
C VAL A 202 5.66 29.81 -2.38
N GLU A 203 6.50 30.12 -1.39
CA GLU A 203 6.81 29.14 -0.35
C GLU A 203 6.50 29.69 1.05
N MET A 204 5.90 28.82 1.87
CA MET A 204 5.59 29.14 3.25
C MET A 204 6.66 28.46 4.11
N LYS A 205 7.37 29.26 4.88
CA LYS A 205 8.46 28.72 5.69
C LYS A 205 8.25 28.96 7.18
N TYR A 206 8.25 27.87 7.94
CA TYR A 206 7.98 27.88 9.36
C TYR A 206 9.23 27.54 10.15
N LEU A 207 9.47 28.26 11.23
CA LEU A 207 10.48 27.85 12.20
C LEU A 207 9.83 27.52 13.53
N LEU A 208 10.10 26.34 14.04
CA LEU A 208 9.55 25.95 15.33
C LEU A 208 10.70 25.47 16.22
N ALA A 209 10.87 26.08 17.39
CA ALA A 209 11.87 25.59 18.34
C ALA A 209 11.21 25.08 19.60
N LEU A 210 11.68 23.93 20.10
CA LEU A 210 11.11 23.32 21.31
C LEU A 210 12.19 23.00 22.33
N ARG A 211 11.81 23.04 23.60
CA ARG A 211 12.66 22.56 24.66
C ARG A 211 12.82 21.05 24.48
N SER A 212 14.06 20.57 24.42
CA SER A 212 14.29 19.15 24.19
C SER A 212 13.85 18.29 25.38
N ASN B 2 -8.84 30.13 -21.49
CA ASN B 2 -10.07 29.41 -21.19
C ASN B 2 -9.83 28.00 -20.61
N GLY B 3 -10.41 27.77 -19.43
CA GLY B 3 -10.13 26.55 -18.68
C GLY B 3 -10.68 25.29 -19.30
N LEU B 4 -11.85 25.40 -19.92
CA LEU B 4 -12.50 24.24 -20.55
C LEU B 4 -11.64 23.67 -21.66
N MET B 5 -11.29 24.54 -22.61
CA MET B 5 -10.42 24.18 -23.72
C MET B 5 -9.13 23.52 -23.27
N ALA B 6 -8.51 24.08 -22.24
CA ALA B 6 -7.28 23.50 -21.70
C ALA B 6 -7.54 22.07 -21.21
N LYS B 7 -8.66 21.88 -20.52
CA LYS B 7 -9.05 20.53 -20.09
C LYS B 7 -9.32 19.62 -21.30
N ARG B 8 -10.02 20.14 -22.30
CA ARG B 8 -10.32 19.35 -23.50
C ARG B 8 -9.08 19.05 -24.34
N LEU B 9 -8.08 19.92 -24.30
CA LEU B 9 -6.81 19.64 -24.97
C LEU B 9 -6.17 18.41 -24.32
N ARG B 10 -6.09 18.43 -23.00
CA ARG B 10 -5.48 17.34 -22.27
C ARG B 10 -6.16 16.02 -22.64
N ARG B 11 -7.48 16.02 -22.62
CA ARG B 11 -8.27 14.87 -23.01
C ARG B 11 -7.97 14.39 -24.43
N GLU B 12 -7.88 15.33 -25.38
CA GLU B 12 -7.57 14.97 -26.76
C GLU B 12 -6.16 14.40 -26.91
N LEU B 13 -5.22 14.97 -26.16
CA LEU B 13 -3.83 14.50 -26.17
C LEU B 13 -3.68 13.09 -25.61
N LEU B 14 -4.38 12.84 -24.51
CA LEU B 14 -4.27 11.62 -23.76
C LEU B 14 -5.15 10.52 -24.32
N ASN B 15 -5.98 10.86 -25.29
CA ASN B 15 -6.88 9.89 -25.88
C ASN B 15 -6.15 8.71 -26.51
N THR B 16 -5.07 9.00 -27.22
CA THR B 16 -4.19 7.98 -27.77
C THR B 16 -3.69 6.98 -26.71
N TYR B 17 -3.23 7.50 -25.58
CA TYR B 17 -2.73 6.65 -24.51
C TYR B 17 -3.83 5.86 -23.80
N GLU B 18 -5.05 6.41 -23.77
CA GLU B 18 -6.14 5.72 -23.12
C GLU B 18 -6.58 4.56 -23.99
N GLN B 19 -6.51 4.77 -25.30
CA GLN B 19 -6.94 3.78 -26.27
C GLN B 19 -5.86 2.74 -26.62
N LEU B 20 -4.60 3.17 -26.72
CA LEU B 20 -3.55 2.28 -27.20
C LEU B 20 -2.64 1.72 -26.12
N GLY B 21 -2.69 2.32 -24.92
CA GLY B 21 -1.81 1.92 -23.84
C GLY B 21 -0.58 2.82 -23.72
N LYS B 22 0.09 2.76 -22.58
CA LYS B 22 1.27 3.58 -22.33
C LYS B 22 2.59 2.87 -22.59
N SER B 23 2.54 1.58 -22.94
CA SER B 23 3.77 0.84 -23.24
C SER B 23 4.29 1.21 -24.62
N GLY B 24 5.61 1.12 -24.78
CA GLY B 24 6.22 1.38 -26.07
C GLY B 24 6.66 2.82 -26.23
N LEU B 25 7.76 2.99 -26.96
CA LEU B 25 8.35 4.29 -27.20
C LEU B 25 7.34 5.27 -27.78
N PRO B 26 7.41 6.56 -27.37
CA PRO B 26 6.38 7.55 -27.67
C PRO B 26 6.41 8.13 -29.09
N PHE B 27 6.37 7.24 -30.08
CA PHE B 27 6.30 7.62 -31.49
C PHE B 27 5.09 6.94 -32.14
N LEU B 28 4.31 7.69 -32.91
CA LEU B 28 3.24 7.06 -33.69
C LEU B 28 3.60 6.93 -35.17
N ASP B 29 4.63 7.65 -35.58
CA ASP B 29 5.18 7.48 -36.92
C ASP B 29 6.42 6.63 -36.81
N ASP B 30 7.47 6.98 -37.55
CA ASP B 30 8.71 6.22 -37.46
C ASP B 30 9.27 6.22 -36.05
N ILE B 31 9.67 5.04 -35.60
CA ILE B 31 10.15 4.87 -34.25
C ILE B 31 11.59 5.32 -34.15
N GLY B 32 11.82 6.29 -33.28
CA GLY B 32 13.14 6.87 -33.15
C GLY B 32 13.78 6.48 -31.85
N LYS B 33 14.66 7.34 -31.37
CA LYS B 33 15.34 7.16 -30.11
C LYS B 33 14.84 8.24 -29.16
N VAL B 34 14.60 7.88 -27.90
CA VAL B 34 14.26 8.88 -26.90
C VAL B 34 15.53 9.39 -26.23
N ASP B 35 15.74 10.69 -26.22
CA ASP B 35 16.90 11.23 -25.51
C ASP B 35 16.46 11.87 -24.20
N VAL B 36 16.82 11.23 -23.10
CA VAL B 36 16.41 11.66 -21.77
C VAL B 36 17.48 12.53 -21.12
N LYS B 37 17.09 13.71 -20.65
CA LYS B 37 18.00 14.52 -19.86
C LYS B 37 17.75 14.15 -18.41
N PHE B 38 18.82 13.88 -17.69
CA PHE B 38 18.71 13.37 -16.34
C PHE B 38 19.56 14.23 -15.39
N GLY B 39 18.97 14.57 -14.26
CA GLY B 39 19.66 15.38 -13.27
C GLY B 39 19.33 14.82 -11.90
N LEU B 40 20.33 14.72 -11.05
CA LEU B 40 20.11 14.29 -9.67
C LEU B 40 20.47 15.43 -8.70
N SER B 41 19.47 15.96 -8.00
CA SER B 41 19.69 17.07 -7.07
C SER B 41 19.53 16.61 -5.62
N LEU B 42 20.65 16.53 -4.91
CA LEU B 42 20.63 16.15 -3.50
C LEU B 42 19.95 17.18 -2.61
N GLN B 43 19.02 16.71 -1.78
CA GLN B 43 18.37 17.57 -0.80
C GLN B 43 19.02 17.38 0.57
N LEU B 44 19.04 16.14 1.05
CA LEU B 44 19.58 15.85 2.40
C LEU B 44 19.86 14.37 2.61
N LEU B 45 20.61 14.07 3.67
CA LEU B 45 20.87 12.70 4.09
C LEU B 45 19.90 12.34 5.23
N LYS B 46 19.20 11.24 5.10
CA LYS B 46 18.33 10.80 6.19
C LYS B 46 19.12 10.06 7.28
N SER B 47 19.90 9.07 6.86
CA SER B 47 20.73 8.29 7.77
C SER B 47 21.82 7.55 7.02
N ILE B 48 22.89 7.24 7.74
CA ILE B 48 23.88 6.32 7.25
C ILE B 48 24.12 5.34 8.37
N GLU B 49 23.82 4.08 8.14
CA GLU B 49 23.90 3.09 9.18
C GLU B 49 24.81 1.95 8.78
N GLN B 50 25.77 1.67 9.64
CA GLN B 50 26.73 0.61 9.44
C GLN B 50 26.06 -0.74 9.24
N ARG B 51 26.54 -1.50 8.26
CA ARG B 51 26.07 -2.87 8.07
C ARG B 51 26.99 -3.78 8.87
N GLY B 52 26.42 -4.50 9.83
CA GLY B 52 27.22 -5.35 10.71
C GLY B 52 28.34 -4.56 11.35
N MET B 53 29.54 -5.13 11.35
CA MET B 53 30.70 -4.46 11.92
C MET B 53 31.80 -4.21 10.88
N GLY B 54 31.43 -4.20 9.61
CA GLY B 54 32.41 -3.98 8.55
C GLY B 54 32.46 -2.54 8.05
N PHE B 55 33.07 -2.36 6.88
CA PHE B 55 33.33 -1.05 6.31
C PHE B 55 32.12 -0.51 5.57
N ASN B 56 31.13 -1.36 5.36
CA ASN B 56 29.98 -0.97 4.57
C ASN B 56 28.80 -0.47 5.39
N SER B 57 28.03 0.41 4.77
CA SER B 57 26.87 1.02 5.39
C SER B 57 25.76 1.25 4.39
N ILE B 58 24.55 1.43 4.90
CA ILE B 58 23.40 1.76 4.09
C ILE B 58 23.08 3.24 4.23
N GLY B 59 23.20 3.98 3.13
CA GLY B 59 22.89 5.40 3.13
C GLY B 59 21.53 5.65 2.51
N THR B 60 20.67 6.39 3.22
CA THR B 60 19.34 6.75 2.72
C THR B 60 19.27 8.27 2.46
N PHE B 61 18.94 8.62 1.23
CA PHE B 61 19.04 10.00 0.76
C PHE B 61 17.70 10.52 0.29
N LYS B 62 17.48 11.82 0.47
CA LYS B 62 16.33 12.50 -0.10
C LYS B 62 16.82 13.34 -1.28
N ALA B 63 16.24 13.14 -2.45
CA ALA B 63 16.71 13.91 -3.59
C ALA B 63 15.57 14.31 -4.50
N ILE B 64 15.92 15.12 -5.48
CA ILE B 64 14.96 15.46 -6.48
C ILE B 64 15.55 14.89 -7.77
N VAL B 65 14.79 14.04 -8.46
CA VAL B 65 15.24 13.49 -9.72
C VAL B 65 14.64 14.30 -10.87
N LYS B 66 15.48 14.88 -11.71
CA LYS B 66 14.97 15.73 -12.78
C LYS B 66 15.04 15.02 -14.14
N LEU B 67 13.91 14.97 -14.83
CA LEU B 67 13.79 14.21 -16.07
C LEU B 67 13.11 15.03 -17.15
N SER B 68 13.68 14.96 -18.36
CA SER B 68 13.09 15.63 -19.50
C SER B 68 13.25 14.78 -20.76
N TRP B 69 12.23 14.73 -21.60
CA TRP B 69 12.30 14.00 -22.86
C TRP B 69 11.26 14.55 -23.81
N VAL B 70 11.31 14.11 -25.06
CA VAL B 70 10.30 14.49 -26.02
C VAL B 70 9.31 13.34 -26.25
N ASP B 71 8.02 13.66 -26.20
CA ASP B 71 6.97 12.69 -26.52
C ASP B 71 6.25 13.31 -27.70
N THR B 72 6.48 12.75 -28.87
CA THR B 72 5.83 13.10 -30.12
C THR B 72 4.29 13.06 -30.05
N ILE B 73 3.77 12.11 -29.28
CA ILE B 73 2.32 11.92 -29.17
C ILE B 73 1.66 13.11 -28.46
N LEU B 74 2.45 13.84 -27.69
CA LEU B 74 1.87 14.88 -26.83
C LEU B 74 2.00 16.30 -27.42
N ARG B 75 2.26 16.38 -28.72
CA ARG B 75 2.43 17.67 -29.38
C ARG B 75 1.12 18.28 -29.85
N TRP B 76 1.06 19.60 -29.91
CA TRP B 76 -0.12 20.29 -30.42
C TRP B 76 0.23 21.67 -30.95
N ASP B 77 -0.62 22.18 -31.83
CA ASP B 77 -0.44 23.51 -32.36
C ASP B 77 -1.08 24.54 -31.43
N PRO B 78 -0.25 25.40 -30.80
CA PRO B 78 -0.68 26.37 -29.80
C PRO B 78 -1.39 27.58 -30.40
N GLU B 79 -2.51 27.34 -31.08
CA GLU B 79 -3.33 28.40 -31.64
C GLU B 79 -4.76 28.20 -31.13
N PRO B 80 -5.51 29.30 -30.98
CA PRO B 80 -6.88 29.25 -30.42
C PRO B 80 -7.75 28.17 -31.06
N PRO B 81 -8.56 27.48 -30.25
CA PRO B 81 -8.75 27.71 -28.80
C PRO B 81 -7.68 27.03 -27.95
N PHE B 82 -6.78 26.27 -28.58
CA PHE B 82 -5.75 25.54 -27.83
C PHE B 82 -4.44 26.33 -27.73
N ASP B 83 -4.55 27.64 -27.53
CA ASP B 83 -3.39 28.50 -27.42
C ASP B 83 -2.79 28.47 -26.02
N PHE B 84 -2.30 27.29 -25.63
CA PHE B 84 -1.58 27.10 -24.38
C PHE B 84 -0.14 26.69 -24.68
N GLN B 85 0.81 27.27 -23.94
CA GLN B 85 2.22 26.99 -24.18
C GLN B 85 2.65 25.69 -23.52
N LYS B 86 1.95 25.35 -22.44
CA LYS B 86 2.20 24.10 -21.75
C LYS B 86 0.96 23.65 -20.98
N ILE B 87 1.00 22.41 -20.51
CA ILE B 87 -0.10 21.85 -19.75
C ILE B 87 0.46 20.86 -18.73
N GLU B 88 -0.25 20.69 -17.62
CA GLU B 88 0.20 19.80 -16.57
C GLU B 88 -0.53 18.46 -16.75
N ILE B 89 0.17 17.35 -16.51
CA ILE B 89 -0.43 16.03 -16.61
C ILE B 89 0.20 15.06 -15.61
N SER B 90 -0.54 14.01 -15.25
CA SER B 90 -0.02 13.00 -14.35
C SER B 90 0.91 12.07 -15.11
N PRO B 91 2.03 11.68 -14.50
CA PRO B 91 2.98 10.77 -15.18
C PRO B 91 2.44 9.35 -15.25
N ASP B 92 1.36 9.06 -14.54
CA ASP B 92 0.69 7.78 -14.63
C ASP B 92 -0.26 7.73 -15.82
N GLU B 93 -0.38 8.85 -16.55
CA GLU B 93 -1.26 8.87 -17.73
C GLU B 93 -0.49 8.90 -19.05
N ILE B 94 0.83 8.99 -18.99
CA ILE B 94 1.62 9.00 -20.20
C ILE B 94 2.76 8.00 -20.10
N TRP B 95 3.50 7.84 -21.17
CA TRP B 95 4.71 7.04 -21.13
C TRP B 95 5.77 7.80 -20.32
N THR B 96 6.47 7.08 -19.45
CA THR B 96 7.65 7.65 -18.80
C THR B 96 8.81 6.69 -18.99
N PRO B 97 10.04 7.21 -19.05
CA PRO B 97 11.20 6.30 -19.20
C PRO B 97 11.29 5.32 -18.02
N ASP B 98 11.65 4.06 -18.28
CA ASP B 98 11.71 3.07 -17.19
C ASP B 98 13.07 3.12 -16.44
N ILE B 99 13.43 4.29 -15.95
CA ILE B 99 14.75 4.47 -15.34
C ILE B 99 14.76 3.95 -13.89
N LYS B 100 15.67 3.04 -13.59
CA LYS B 100 15.75 2.47 -12.24
C LYS B 100 17.06 2.86 -11.56
N LEU B 101 17.02 2.85 -10.24
CA LEU B 101 18.25 2.89 -9.45
C LEU B 101 18.73 1.44 -9.34
N PHE B 102 19.68 1.07 -10.18
CA PHE B 102 20.12 -0.33 -10.31
C PHE B 102 20.68 -0.91 -9.00
N ASN B 103 21.45 -0.09 -8.28
CA ASN B 103 22.15 -0.55 -7.10
C ASN B 103 21.37 -0.23 -5.83
N SER B 104 20.06 -0.14 -5.98
CA SER B 104 19.23 0.08 -4.82
C SER B 104 19.30 -1.13 -3.90
N VAL B 105 19.34 -0.87 -2.61
CA VAL B 105 19.33 -1.92 -1.59
C VAL B 105 17.91 -2.46 -1.42
N ASP B 106 16.94 -1.60 -1.70
CA ASP B 106 15.54 -2.01 -1.77
C ASP B 106 15.23 -2.34 -3.23
N LEU B 107 13.98 -2.65 -3.55
CA LEU B 107 13.59 -2.98 -4.93
C LEU B 107 14.10 -1.97 -5.96
N ASP B 108 13.98 -0.69 -5.62
CA ASP B 108 14.30 0.42 -6.51
C ASP B 108 14.25 1.70 -5.67
N MET B 109 14.62 2.82 -6.25
CA MET B 109 14.31 4.10 -5.64
C MET B 109 12.78 4.26 -5.69
N THR B 110 12.24 5.09 -4.82
CA THR B 110 10.84 5.46 -4.92
C THR B 110 10.75 6.91 -5.39
N LEU B 111 10.05 7.13 -6.48
CA LEU B 111 9.80 8.48 -6.97
C LEU B 111 8.40 8.79 -6.50
N ASP B 112 8.12 10.06 -6.26
CA ASP B 112 6.76 10.45 -5.91
C ASP B 112 5.95 10.65 -7.18
N ARG B 113 5.13 9.66 -7.51
CA ARG B 113 4.40 9.71 -8.78
C ARG B 113 3.08 10.50 -8.70
N THR B 114 2.76 11.07 -7.54
CA THR B 114 1.67 12.06 -7.52
C THR B 114 2.15 13.40 -8.04
N THR B 115 3.45 13.54 -8.24
CA THR B 115 4.01 14.80 -8.72
C THR B 115 3.68 14.99 -10.19
N GLN B 116 3.08 16.13 -10.54
CA GLN B 116 2.64 16.29 -11.94
C GLN B 116 3.84 16.55 -12.83
N ALA B 117 3.69 16.21 -14.12
CA ALA B 117 4.68 16.54 -15.12
C ALA B 117 4.10 17.71 -15.90
N ILE B 118 4.98 18.48 -16.53
CA ILE B 118 4.55 19.58 -17.39
C ILE B 118 4.89 19.22 -18.83
N VAL B 119 3.95 19.42 -19.75
CA VAL B 119 4.24 19.17 -21.17
C VAL B 119 4.07 20.46 -22.00
N PHE B 120 5.11 20.79 -22.77
CA PHE B 120 5.08 21.93 -23.68
C PHE B 120 4.49 21.53 -25.04
N SER B 121 3.95 22.52 -25.76
CA SER B 121 3.22 22.27 -27.00
C SER B 121 4.05 21.54 -28.05
N ASN B 122 5.38 21.62 -27.95
CA ASN B 122 6.27 20.91 -28.85
C ASN B 122 6.53 19.46 -28.44
N GLY B 123 5.87 19.04 -27.35
CA GLY B 123 5.96 17.66 -26.89
C GLY B 123 7.05 17.38 -25.86
N THR B 124 7.86 18.38 -25.56
CA THR B 124 8.85 18.25 -24.49
C THR B 124 8.15 18.04 -23.14
N VAL B 125 8.54 16.99 -22.43
CA VAL B 125 8.03 16.73 -21.08
C VAL B 125 9.09 17.09 -20.05
N LEU B 126 8.68 17.76 -18.99
CA LEU B 126 9.55 18.01 -17.85
C LEU B 126 8.89 17.44 -16.61
N TRP B 127 9.60 16.55 -15.93
CA TRP B 127 9.07 15.89 -14.75
C TRP B 127 10.13 15.84 -13.66
N ILE B 128 9.82 16.45 -12.52
CA ILE B 128 10.79 16.66 -11.45
C ILE B 128 10.31 16.07 -10.10
N PRO B 129 10.18 14.73 -10.02
CA PRO B 129 9.67 14.13 -8.78
C PRO B 129 10.71 14.03 -7.66
N PRO B 130 10.31 14.39 -6.43
CA PRO B 130 11.10 14.04 -5.25
C PRO B 130 11.35 12.52 -5.21
N ALA B 131 12.43 12.11 -4.56
CA ALA B 131 12.88 10.72 -4.62
C ALA B 131 13.57 10.33 -3.32
N VAL B 132 13.39 9.08 -2.90
CA VAL B 132 14.17 8.50 -1.82
C VAL B 132 15.07 7.37 -2.42
N LEU B 133 16.35 7.45 -2.10
CA LEU B 133 17.38 6.54 -2.65
C LEU B 133 18.15 5.89 -1.50
N LYS B 134 18.31 4.58 -1.57
CA LYS B 134 18.96 3.88 -0.50
C LYS B 134 20.01 2.96 -1.09
N VAL B 135 21.29 3.23 -0.78
CA VAL B 135 22.37 2.51 -1.42
C VAL B 135 23.42 2.03 -0.42
N LEU B 136 24.29 1.11 -0.88
CA LEU B 136 25.46 0.70 -0.09
C LEU B 136 26.56 1.76 -0.11
N CYS B 137 27.13 2.02 1.05
CA CYS B 137 28.19 3.02 1.15
C CYS B 137 29.44 2.40 1.76
N VAL B 138 30.57 3.06 1.57
CA VAL B 138 31.77 2.68 2.27
C VAL B 138 32.07 3.80 3.26
N SER B 139 32.10 3.44 4.53
CA SER B 139 32.36 4.40 5.60
C SER B 139 33.68 4.03 6.21
N GLN B 140 34.70 4.85 5.94
CA GLN B 140 36.06 4.55 6.40
C GLN B 140 36.89 5.83 6.48
N ASP B 141 37.63 5.99 7.58
CA ASP B 141 38.41 7.19 7.83
C ASP B 141 37.56 8.48 7.88
N ASP B 142 36.43 8.42 8.57
CA ASP B 142 35.54 9.58 8.70
C ASP B 142 34.95 10.08 7.36
N VAL B 143 34.97 9.21 6.37
CA VAL B 143 34.40 9.52 5.08
C VAL B 143 33.38 8.46 4.67
N ASP B 144 32.19 8.91 4.28
CA ASP B 144 31.18 8.03 3.70
C ASP B 144 31.11 8.20 2.18
N SER B 145 31.48 7.16 1.43
CA SER B 145 31.44 7.23 -0.04
C SER B 145 30.34 6.34 -0.61
N CYS B 146 29.43 6.97 -1.35
CA CYS B 146 28.25 6.28 -1.88
C CYS B 146 28.17 6.43 -3.40
N HIS B 147 27.67 5.39 -4.05
CA HIS B 147 27.49 5.40 -5.50
C HIS B 147 26.00 5.39 -5.82
N PHE B 148 25.63 5.98 -6.95
CA PHE B 148 24.28 5.88 -7.46
C PHE B 148 24.40 5.50 -8.93
N GLN B 149 23.67 4.46 -9.34
CA GLN B 149 23.75 3.95 -10.71
C GLN B 149 22.36 3.95 -11.33
N PHE B 150 22.16 4.78 -12.37
CA PHE B 150 20.84 4.87 -13.01
C PHE B 150 20.84 4.41 -14.46
N GLY B 151 19.73 3.81 -14.87
CA GLY B 151 19.56 3.41 -16.26
C GLY B 151 18.15 2.94 -16.58
N SER B 152 17.79 3.01 -17.85
CA SER B 152 16.59 2.37 -18.35
C SER B 152 16.80 0.87 -18.21
N TRP B 153 15.79 0.17 -17.68
CA TRP B 153 15.96 -1.27 -17.47
C TRP B 153 15.94 -2.05 -18.77
N VAL B 154 14.98 -1.77 -19.64
CA VAL B 154 14.78 -2.61 -20.83
C VAL B 154 15.27 -2.04 -22.15
N TYR B 155 15.44 -0.72 -22.25
CA TYR B 155 15.73 -0.08 -23.55
C TYR B 155 17.21 0.19 -23.75
N SER B 156 17.76 -0.25 -24.88
CA SER B 156 19.17 -0.04 -25.19
C SER B 156 19.43 1.40 -25.67
N VAL B 157 20.69 1.72 -25.93
CA VAL B 157 21.10 3.07 -26.34
C VAL B 157 20.44 3.54 -27.65
N ASP B 158 20.00 2.59 -28.47
CA ASP B 158 19.31 2.91 -29.73
C ASP B 158 17.82 3.19 -29.55
N GLU B 159 17.33 3.06 -28.33
CA GLU B 159 15.92 3.23 -28.05
C GLU B 159 15.74 4.35 -27.03
N VAL B 160 16.50 4.28 -25.94
CA VAL B 160 16.49 5.34 -24.94
C VAL B 160 17.91 5.69 -24.57
N ASP B 161 18.28 6.93 -24.90
CA ASP B 161 19.60 7.47 -24.58
C ASP B 161 19.42 8.39 -23.39
N ILE B 162 20.46 8.55 -22.58
CA ILE B 162 20.40 9.46 -21.44
C ILE B 162 21.63 10.36 -21.45
N HIS B 163 21.42 11.63 -21.11
CA HIS B 163 22.53 12.58 -20.96
C HIS B 163 22.30 13.42 -19.73
N PHE B 164 23.38 13.92 -19.13
CA PHE B 164 23.24 14.76 -17.94
C PHE B 164 22.53 16.06 -18.31
N MET B 165 21.60 16.47 -17.46
CA MET B 165 20.89 17.71 -17.66
C MET B 165 21.89 18.84 -17.58
N ASP B 166 21.89 19.71 -18.59
CA ASP B 166 22.81 20.84 -18.71
C ASP B 166 24.26 20.41 -18.80
N ASP B 167 24.47 19.13 -19.13
CA ASP B 167 25.80 18.58 -19.33
C ASP B 167 26.64 18.61 -18.04
N LYS B 168 25.97 18.73 -16.90
CA LYS B 168 26.68 18.72 -15.63
C LYS B 168 26.83 17.31 -15.10
N ALA B 169 28.05 16.78 -15.22
CA ALA B 169 28.35 15.44 -14.73
C ALA B 169 28.64 15.47 -13.23
N GLU B 170 27.61 15.71 -12.44
CA GLU B 170 27.74 15.81 -10.99
C GLU B 170 26.37 15.80 -10.33
N VAL B 171 26.36 15.45 -9.05
CA VAL B 171 25.18 15.63 -8.23
C VAL B 171 24.90 17.12 -8.17
N LEU B 172 23.68 17.52 -8.47
CA LEU B 172 23.34 18.95 -8.51
C LEU B 172 23.00 19.42 -7.11
N LEU B 173 23.31 20.67 -6.79
CA LEU B 173 23.12 21.18 -5.43
C LEU B 173 22.12 22.34 -5.36
N ASP B 174 21.31 22.48 -6.40
CA ASP B 174 20.31 23.55 -6.47
C ASP B 174 19.18 23.42 -5.44
N PHE B 175 18.98 22.21 -4.90
CA PHE B 175 17.96 21.97 -3.86
C PHE B 175 18.61 21.52 -2.54
N TYR B 176 19.93 21.62 -2.44
CA TYR B 176 20.63 21.09 -1.26
C TYR B 176 20.34 21.87 0.01
N GLN B 177 19.84 21.20 1.03
CA GLN B 177 19.62 21.86 2.34
C GLN B 177 19.99 20.99 3.50
N ASP B 178 21.27 20.65 3.58
CA ASP B 178 21.78 19.87 4.67
C ASP B 178 23.05 20.56 5.12
N SER B 179 23.66 20.06 6.18
CA SER B 179 24.85 20.69 6.74
C SER B 179 26.12 19.85 6.53
N LEU B 180 26.01 18.81 5.72
CA LEU B 180 27.16 17.91 5.53
C LEU B 180 28.19 18.47 4.59
N GLU B 181 29.44 18.11 4.84
CA GLU B 181 30.54 18.57 4.01
C GLU B 181 30.75 17.58 2.86
N ILE B 182 30.51 18.05 1.64
CA ILE B 182 30.73 17.24 0.44
C ILE B 182 32.20 17.21 0.04
N LEU B 183 32.77 16.00 -0.05
CA LEU B 183 34.21 15.81 -0.22
C LEU B 183 34.57 15.34 -1.63
N GLU B 184 33.57 14.82 -2.34
CA GLU B 184 33.73 14.37 -3.72
C GLU B 184 32.38 14.27 -4.41
N ASN B 185 32.34 14.64 -5.67
CA ASN B 185 31.09 14.75 -6.41
C ASN B 185 31.39 14.64 -7.87
N SER B 186 31.31 13.41 -8.39
CA SER B 186 31.55 13.19 -9.79
C SER B 186 30.59 12.17 -10.36
N ALA B 187 30.44 12.21 -11.67
CA ALA B 187 29.51 11.33 -12.35
C ALA B 187 30.03 10.99 -13.74
N GLN B 188 29.56 9.88 -14.28
CA GLN B 188 29.93 9.49 -15.63
C GLN B 188 28.79 8.79 -16.36
N ARG B 189 28.63 9.15 -17.63
CA ARG B 189 27.74 8.49 -18.55
C ARG B 189 28.48 7.32 -19.18
N GLN B 190 27.93 6.12 -19.07
CA GLN B 190 28.56 4.95 -19.70
C GLN B 190 27.59 4.16 -20.55
N GLU B 191 28.13 3.57 -21.61
CA GLU B 191 27.41 2.63 -22.45
C GLU B 191 27.89 1.22 -22.12
N VAL B 192 27.00 0.43 -21.51
CA VAL B 192 27.36 -0.86 -20.93
C VAL B 192 26.74 -2.08 -21.64
N VAL B 193 27.57 -3.08 -21.94
CA VAL B 193 27.09 -4.32 -22.56
C VAL B 193 26.81 -5.38 -21.49
N TYR B 194 25.75 -6.17 -21.67
CA TYR B 194 25.41 -7.23 -20.72
C TYR B 194 25.41 -8.64 -21.31
N PRO B 195 25.53 -9.67 -20.44
CA PRO B 195 25.40 -11.08 -20.83
C PRO B 195 24.02 -11.44 -21.38
N CYS B 196 22.95 -11.14 -20.63
CA CYS B 196 21.58 -11.52 -20.98
C CYS B 196 21.08 -10.90 -22.29
N CYS B 197 21.74 -9.82 -22.72
CA CYS B 197 21.19 -8.96 -23.74
C CYS B 197 22.20 -8.70 -24.84
N GLU B 198 21.79 -7.99 -25.90
CA GLU B 198 22.64 -7.80 -27.06
C GLU B 198 23.35 -6.44 -27.08
N SER B 199 22.58 -5.37 -27.30
CA SER B 199 23.15 -4.05 -27.55
C SER B 199 23.76 -3.41 -26.30
N ALA B 200 23.98 -2.09 -26.37
CA ALA B 200 24.54 -1.36 -25.24
C ALA B 200 23.47 -0.57 -24.52
N TYR B 201 23.61 -0.46 -23.21
CA TYR B 201 22.65 0.25 -22.37
C TYR B 201 23.32 1.42 -21.69
N VAL B 202 22.63 2.56 -21.67
CA VAL B 202 23.17 3.76 -21.02
C VAL B 202 22.96 3.76 -19.52
N GLU B 203 24.06 3.91 -18.79
CA GLU B 203 24.04 4.00 -17.34
C GLU B 203 24.71 5.26 -16.84
N MET B 204 24.00 5.98 -15.96
CA MET B 204 24.57 7.18 -15.33
C MET B 204 25.09 6.78 -13.96
N LYS B 205 26.37 6.99 -13.72
CA LYS B 205 26.98 6.55 -12.47
C LYS B 205 27.54 7.71 -11.66
N TYR B 206 27.06 7.88 -10.43
CA TYR B 206 27.47 9.00 -9.58
C TYR B 206 28.29 8.45 -8.42
N LEU B 207 29.32 9.21 -8.04
CA LEU B 207 30.05 9.02 -6.80
C LEU B 207 29.84 10.25 -5.91
N LEU B 208 29.39 10.03 -4.68
CA LEU B 208 29.24 11.12 -3.73
C LEU B 208 29.96 10.75 -2.44
N ALA B 209 30.92 11.59 -2.01
CA ALA B 209 31.59 11.37 -0.73
C ALA B 209 31.20 12.46 0.26
N LEU B 210 30.97 12.06 1.52
CA LEU B 210 30.50 12.98 2.55
C LEU B 210 31.34 12.89 3.81
N ARG B 211 31.60 14.02 4.45
CA ARG B 211 32.20 14.00 5.77
C ARG B 211 31.25 13.27 6.76
N SER B 212 31.75 12.19 7.35
CA SER B 212 30.97 11.35 8.24
C SER B 212 30.33 12.09 9.43
N ASN C 2 7.11 1.76 -37.59
CA ASN C 2 6.02 2.67 -37.23
C ASN C 2 5.40 2.37 -35.86
N GLY C 3 5.24 3.42 -35.06
CA GLY C 3 4.86 3.26 -33.67
C GLY C 3 3.39 2.95 -33.44
N LEU C 4 2.57 3.27 -34.43
CA LEU C 4 1.15 2.95 -34.34
C LEU C 4 0.99 1.44 -34.40
N MET C 5 1.59 0.83 -35.41
CA MET C 5 1.48 -0.61 -35.61
C MET C 5 2.02 -1.42 -34.42
N ALA C 6 3.04 -0.88 -33.76
CA ALA C 6 3.58 -1.53 -32.57
C ALA C 6 2.51 -1.57 -31.48
N LYS C 7 1.85 -0.44 -31.26
CA LYS C 7 0.80 -0.35 -30.26
C LYS C 7 -0.45 -1.16 -30.63
N ARG C 8 -0.87 -1.10 -31.91
CA ARG C 8 -1.99 -1.91 -32.39
C ARG C 8 -1.70 -3.39 -32.15
N LEU C 9 -0.46 -3.79 -32.44
CA LEU C 9 -0.01 -5.16 -32.24
C LEU C 9 -0.18 -5.61 -30.80
N ARG C 10 0.29 -4.78 -29.88
CA ARG C 10 0.26 -5.12 -28.48
C ARG C 10 -1.20 -5.29 -28.05
N ARG C 11 -2.03 -4.33 -28.45
CA ARG C 11 -3.45 -4.37 -28.14
C ARG C 11 -4.12 -5.63 -28.67
N GLU C 12 -3.86 -5.97 -29.94
CA GLU C 12 -4.47 -7.15 -30.52
C GLU C 12 -4.00 -8.43 -29.82
N LEU C 13 -2.72 -8.47 -29.42
CA LEU C 13 -2.22 -9.61 -28.67
C LEU C 13 -2.85 -9.71 -27.27
N LEU C 14 -3.03 -8.56 -26.62
CA LEU C 14 -3.54 -8.56 -25.27
C LEU C 14 -5.06 -8.64 -25.24
N ASN C 15 -5.68 -8.58 -26.43
CA ASN C 15 -7.12 -8.72 -26.56
C ASN C 15 -7.63 -9.97 -25.84
N THR C 16 -7.02 -11.11 -26.15
CA THR C 16 -7.34 -12.39 -25.52
C THR C 16 -7.28 -12.33 -23.98
N TYR C 17 -6.29 -11.65 -23.44
CA TYR C 17 -6.15 -11.56 -21.98
C TYR C 17 -7.16 -10.62 -21.35
N GLU C 18 -7.58 -9.62 -22.10
CA GLU C 18 -8.56 -8.68 -21.59
C GLU C 18 -9.97 -9.28 -21.61
N GLN C 19 -10.18 -10.28 -22.46
CA GLN C 19 -11.49 -10.92 -22.59
C GLN C 19 -11.63 -12.15 -21.68
N LEU C 20 -10.59 -12.97 -21.62
CA LEU C 20 -10.65 -14.26 -20.94
C LEU C 20 -9.90 -14.27 -19.61
N GLY C 21 -9.20 -13.17 -19.33
CA GLY C 21 -8.41 -13.07 -18.11
C GLY C 21 -7.04 -13.70 -18.26
N LYS C 22 -6.22 -13.48 -17.24
CA LYS C 22 -4.83 -13.94 -17.24
C LYS C 22 -4.63 -15.26 -16.50
N SER C 23 -5.64 -15.73 -15.78
CA SER C 23 -5.53 -16.99 -15.06
C SER C 23 -5.42 -18.19 -16.03
N GLY C 24 -4.71 -19.24 -15.61
CA GLY C 24 -4.58 -20.45 -16.41
C GLY C 24 -3.36 -20.49 -17.31
N LEU C 25 -2.92 -21.71 -17.63
CA LEU C 25 -1.76 -21.88 -18.50
C LEU C 25 -1.94 -21.19 -19.85
N PRO C 26 -0.83 -20.64 -20.39
CA PRO C 26 -0.88 -19.85 -21.63
C PRO C 26 -0.94 -20.70 -22.88
N PHE C 27 -2.10 -21.29 -23.15
CA PHE C 27 -2.37 -22.04 -24.36
C PHE C 27 -3.83 -21.79 -24.70
N LEU C 28 -4.15 -21.62 -25.98
CA LEU C 28 -5.56 -21.62 -26.37
C LEU C 28 -5.96 -22.94 -27.03
N ASP C 29 -5.02 -23.52 -27.78
CA ASP C 29 -5.25 -24.82 -28.37
C ASP C 29 -5.05 -25.89 -27.30
N ASP C 30 -4.29 -26.93 -27.61
CA ASP C 30 -4.07 -27.98 -26.64
C ASP C 30 -3.18 -27.46 -25.53
N ILE C 31 -3.55 -27.79 -24.29
CA ILE C 31 -2.84 -27.29 -23.12
C ILE C 31 -1.59 -28.13 -22.84
N GLY C 32 -0.44 -27.49 -22.95
CA GLY C 32 0.83 -28.20 -22.79
C GLY C 32 1.48 -28.01 -21.44
N LYS C 33 2.81 -28.05 -21.44
CA LYS C 33 3.60 -27.85 -20.24
C LYS C 33 4.42 -26.58 -20.42
N VAL C 34 4.38 -25.70 -19.43
CA VAL C 34 5.18 -24.49 -19.50
C VAL C 34 6.57 -24.77 -18.94
N ASP C 35 7.61 -24.46 -19.70
CA ASP C 35 8.96 -24.59 -19.15
C ASP C 35 9.61 -23.25 -18.83
N VAL C 36 9.80 -23.01 -17.53
CA VAL C 36 10.39 -21.77 -17.07
C VAL C 36 11.89 -21.92 -16.86
N LYS C 37 12.67 -21.02 -17.46
CA LYS C 37 14.10 -20.93 -17.17
C LYS C 37 14.30 -19.91 -16.05
N PHE C 38 14.99 -20.32 -15.00
CA PHE C 38 15.07 -19.51 -13.79
C PHE C 38 16.52 -19.19 -13.50
N GLY C 39 16.77 -17.94 -13.12
CA GLY C 39 18.09 -17.49 -12.75
C GLY C 39 18.03 -16.53 -11.57
N LEU C 40 18.88 -16.78 -10.58
CA LEU C 40 19.02 -15.88 -9.45
C LEU C 40 20.35 -15.13 -9.52
N SER C 41 20.29 -13.83 -9.79
CA SER C 41 21.51 -13.00 -9.79
C SER C 41 21.59 -12.12 -8.55
N LEU C 42 22.54 -12.44 -7.68
CA LEU C 42 22.72 -11.67 -6.44
C LEU C 42 23.36 -10.30 -6.72
N GLN C 43 22.84 -9.26 -6.08
CA GLN C 43 23.46 -7.94 -6.16
C GLN C 43 24.24 -7.58 -4.90
N LEU C 44 23.57 -7.68 -3.75
CA LEU C 44 24.19 -7.32 -2.49
C LEU C 44 23.39 -7.83 -1.29
N LEU C 45 24.06 -7.83 -0.14
CA LEU C 45 23.40 -8.14 1.12
C LEU C 45 22.94 -6.83 1.73
N LYS C 46 21.67 -6.74 2.11
CA LYS C 46 21.22 -5.57 2.87
C LYS C 46 21.63 -5.67 4.33
N SER C 47 21.33 -6.81 4.95
CA SER C 47 21.63 -6.99 6.37
C SER C 47 21.51 -8.45 6.80
N ILE C 48 22.22 -8.78 7.88
CA ILE C 48 22.13 -10.10 8.49
C ILE C 48 22.01 -9.91 9.99
N GLU C 49 20.83 -10.19 10.53
CA GLU C 49 20.56 -9.91 11.93
C GLU C 49 20.31 -11.20 12.69
N GLN C 50 21.05 -11.41 13.77
CA GLN C 50 20.87 -12.57 14.62
C GLN C 50 19.45 -12.59 15.17
N ARG C 51 18.81 -13.75 15.13
CA ARG C 51 17.52 -13.90 15.78
C ARG C 51 17.75 -14.33 17.21
N GLY C 52 17.34 -13.47 18.14
CA GLY C 52 17.59 -13.68 19.56
C GLY C 52 19.07 -13.82 19.84
N MET C 53 19.42 -14.80 20.65
CA MET C 53 20.82 -15.11 20.92
C MET C 53 21.14 -16.52 20.43
N GLY C 54 20.30 -17.05 19.54
CA GLY C 54 20.54 -18.35 18.96
C GLY C 54 21.61 -18.29 17.89
N PHE C 55 21.70 -19.34 17.07
CA PHE C 55 22.68 -19.37 16.00
C PHE C 55 22.06 -19.16 14.62
N ASN C 56 20.82 -18.68 14.60
CA ASN C 56 20.14 -18.37 13.36
C ASN C 56 20.01 -16.87 13.19
N SER C 57 19.81 -16.45 11.96
CA SER C 57 19.68 -15.03 11.66
C SER C 57 18.77 -14.81 10.45
N ILE C 58 18.26 -13.59 10.32
CA ILE C 58 17.49 -13.23 9.15
C ILE C 58 18.44 -12.52 8.18
N GLY C 59 18.59 -13.09 6.99
CA GLY C 59 19.33 -12.48 5.90
C GLY C 59 18.40 -11.83 4.90
N THR C 60 18.61 -10.53 4.66
CA THR C 60 17.84 -9.77 3.67
C THR C 60 18.72 -9.42 2.48
N PHE C 61 18.34 -9.90 1.30
CA PHE C 61 19.19 -9.78 0.12
C PHE C 61 18.54 -8.97 -0.99
N LYS C 62 19.36 -8.37 -1.85
CA LYS C 62 18.92 -7.75 -3.09
C LYS C 62 19.38 -8.61 -4.27
N ALA C 63 18.46 -8.92 -5.17
CA ALA C 63 18.78 -9.77 -6.30
C ALA C 63 17.98 -9.43 -7.53
N ILE C 64 18.39 -10.03 -8.64
CA ILE C 64 17.66 -9.93 -9.88
C ILE C 64 17.15 -11.35 -10.17
N VAL C 65 15.85 -11.52 -10.33
CA VAL C 65 15.29 -12.81 -10.67
C VAL C 65 15.07 -12.82 -12.16
N LYS C 66 15.67 -13.79 -12.85
CA LYS C 66 15.53 -13.86 -14.30
C LYS C 66 14.60 -15.01 -14.69
N LEU C 67 13.54 -14.66 -15.41
CA LEU C 67 12.52 -15.64 -15.80
C LEU C 67 12.28 -15.62 -17.30
N SER C 68 12.16 -16.80 -17.89
CA SER C 68 11.74 -16.91 -19.28
C SER C 68 10.85 -18.12 -19.53
N TRP C 69 9.89 -17.97 -20.43
CA TRP C 69 8.97 -19.04 -20.81
C TRP C 69 8.27 -18.67 -22.12
N VAL C 70 7.57 -19.63 -22.71
CA VAL C 70 6.88 -19.38 -23.96
C VAL C 70 5.39 -19.15 -23.72
N ASP C 71 4.83 -18.11 -24.31
CA ASP C 71 3.41 -17.83 -24.20
C ASP C 71 2.81 -17.86 -25.61
N THR C 72 2.21 -19.01 -25.93
CA THR C 72 1.65 -19.28 -27.25
C THR C 72 0.62 -18.24 -27.69
N ILE C 73 -0.09 -17.70 -26.72
CA ILE C 73 -1.11 -16.70 -26.98
C ILE C 73 -0.49 -15.43 -27.54
N LEU C 74 0.75 -15.15 -27.17
CA LEU C 74 1.40 -13.90 -27.56
C LEU C 74 2.33 -14.08 -28.74
N ARG C 75 1.83 -14.72 -29.80
CA ARG C 75 2.61 -15.00 -30.99
C ARG C 75 2.12 -14.18 -32.18
N TRP C 76 3.06 -13.65 -32.94
CA TRP C 76 2.69 -12.98 -34.19
C TRP C 76 3.62 -13.28 -35.36
N ASP C 77 3.17 -12.89 -36.56
CA ASP C 77 3.94 -13.02 -37.78
C ASP C 77 4.75 -11.75 -38.02
N PRO C 78 6.07 -11.82 -37.80
CA PRO C 78 6.96 -10.64 -37.85
C PRO C 78 7.14 -10.10 -39.28
N GLU C 79 6.02 -9.85 -39.94
CA GLU C 79 6.02 -9.35 -41.30
C GLU C 79 5.01 -8.22 -41.40
N PRO C 80 5.29 -7.22 -42.25
CA PRO C 80 4.52 -5.97 -42.35
C PRO C 80 3.00 -6.15 -42.31
N PRO C 81 2.30 -5.20 -41.67
CA PRO C 81 2.92 -4.01 -41.05
C PRO C 81 3.35 -4.28 -39.62
N PHE C 82 3.39 -5.56 -39.24
CA PHE C 82 3.76 -5.96 -37.88
C PHE C 82 5.13 -6.61 -37.83
N ASP C 83 6.06 -6.07 -38.61
CA ASP C 83 7.43 -6.57 -38.61
C ASP C 83 8.19 -6.10 -37.37
N PHE C 84 7.95 -6.78 -36.26
CA PHE C 84 8.67 -6.51 -35.03
C PHE C 84 9.22 -7.81 -34.48
N GLN C 85 10.48 -7.77 -34.05
CA GLN C 85 11.08 -8.95 -33.44
C GLN C 85 10.53 -9.15 -32.04
N LYS C 86 10.37 -8.05 -31.31
CA LYS C 86 9.94 -8.13 -29.92
C LYS C 86 9.11 -6.93 -29.52
N ILE C 87 8.39 -7.08 -28.41
CA ILE C 87 7.51 -6.04 -27.94
C ILE C 87 7.61 -5.98 -26.41
N GLU C 88 7.45 -4.79 -25.83
CA GLU C 88 7.51 -4.65 -24.37
C GLU C 88 6.10 -4.68 -23.76
N ILE C 89 5.93 -5.47 -22.69
CA ILE C 89 4.63 -5.66 -22.04
C ILE C 89 4.75 -5.58 -20.50
N SER C 90 3.74 -5.02 -19.85
CA SER C 90 3.67 -5.11 -18.40
C SER C 90 3.26 -6.53 -17.99
N PRO C 91 3.96 -7.11 -17.00
CA PRO C 91 3.69 -8.49 -16.54
C PRO C 91 2.34 -8.61 -15.85
N ASP C 92 1.74 -7.49 -15.44
CA ASP C 92 0.36 -7.52 -14.91
C ASP C 92 -0.70 -7.56 -16.01
N GLU C 93 -0.29 -7.66 -17.27
CA GLU C 93 -1.29 -7.76 -18.35
C GLU C 93 -1.28 -9.16 -18.99
N ILE C 94 -0.28 -9.94 -18.66
CA ILE C 94 -0.17 -11.31 -19.14
C ILE C 94 -0.10 -12.30 -17.98
N TRP C 95 -0.24 -13.58 -18.32
CA TRP C 95 0.00 -14.63 -17.35
C TRP C 95 1.49 -14.64 -17.02
N THR C 96 1.79 -14.86 -15.74
CA THR C 96 3.15 -15.08 -15.30
C THR C 96 3.12 -16.30 -14.38
N PRO C 97 4.24 -17.03 -14.27
CA PRO C 97 4.32 -18.21 -13.40
C PRO C 97 4.16 -17.79 -11.94
N ASP C 98 3.45 -18.58 -11.13
CA ASP C 98 3.26 -18.22 -9.72
C ASP C 98 4.45 -18.63 -8.84
N ILE C 99 5.65 -18.22 -9.23
CA ILE C 99 6.84 -18.63 -8.51
C ILE C 99 7.03 -17.85 -7.22
N LYS C 100 7.09 -18.56 -6.11
CA LYS C 100 7.25 -17.93 -4.80
C LYS C 100 8.55 -18.36 -4.15
N LEU C 101 9.05 -17.53 -3.24
CA LEU C 101 10.12 -17.93 -2.33
C LEU C 101 9.47 -18.60 -1.12
N PHE C 102 9.66 -19.91 -1.01
CA PHE C 102 8.91 -20.73 -0.04
C PHE C 102 9.41 -20.49 1.37
N ASN C 103 10.72 -20.37 1.53
CA ASN C 103 11.31 -20.16 2.84
C ASN C 103 11.35 -18.67 3.21
N SER C 104 10.55 -17.88 2.52
CA SER C 104 10.45 -16.48 2.83
C SER C 104 10.03 -16.31 4.29
N VAL C 105 10.75 -15.44 4.99
CA VAL C 105 10.43 -15.15 6.37
C VAL C 105 9.24 -14.18 6.42
N ASP C 106 9.07 -13.43 5.32
CA ASP C 106 7.83 -12.68 5.05
C ASP C 106 6.90 -13.54 4.19
N LEU C 107 5.79 -12.95 3.73
CA LEU C 107 4.80 -13.69 2.94
C LEU C 107 5.41 -14.34 1.71
N ASP C 108 6.23 -13.56 1.01
CA ASP C 108 6.97 -14.05 -0.16
C ASP C 108 8.13 -13.07 -0.40
N MET C 109 8.98 -13.37 -1.37
CA MET C 109 9.90 -12.39 -1.91
C MET C 109 9.05 -11.30 -2.54
N THR C 110 9.58 -10.10 -2.64
CA THR C 110 8.90 -9.06 -3.43
C THR C 110 9.62 -8.90 -4.77
N LEU C 111 8.87 -8.98 -5.86
CA LEU C 111 9.41 -8.71 -7.19
C LEU C 111 8.91 -7.33 -7.59
N ASP C 112 9.72 -6.57 -8.34
CA ASP C 112 9.25 -5.28 -8.82
C ASP C 112 8.37 -5.52 -10.03
N ARG C 113 7.07 -5.46 -9.84
CA ARG C 113 6.17 -5.78 -10.93
C ARG C 113 5.92 -4.58 -11.85
N THR C 114 6.55 -3.43 -11.58
CA THR C 114 6.52 -2.33 -12.53
C THR C 114 7.55 -2.56 -13.63
N THR C 115 8.42 -3.53 -13.42
CA THR C 115 9.47 -3.87 -14.37
C THR C 115 8.83 -4.48 -15.62
N GLN C 116 9.17 -3.97 -16.79
CA GLN C 116 8.52 -4.47 -18.00
C GLN C 116 9.10 -5.81 -18.49
N ALA C 117 8.26 -6.63 -19.09
CA ALA C 117 8.67 -7.88 -19.73
C ALA C 117 8.91 -7.66 -21.22
N ILE C 118 9.76 -8.49 -21.81
CA ILE C 118 9.92 -8.48 -23.27
C ILE C 118 9.36 -9.76 -23.90
N VAL C 119 8.55 -9.61 -24.94
CA VAL C 119 8.02 -10.77 -25.67
C VAL C 119 8.46 -10.75 -27.12
N PHE C 120 9.05 -11.85 -27.58
CA PHE C 120 9.43 -11.99 -28.98
C PHE C 120 8.29 -12.52 -29.84
N SER C 121 8.46 -12.42 -31.15
CA SER C 121 7.41 -12.81 -32.09
C SER C 121 7.03 -14.30 -31.98
N ASN C 122 7.95 -15.12 -31.49
CA ASN C 122 7.66 -16.54 -31.34
C ASN C 122 7.02 -16.88 -29.99
N GLY C 123 6.57 -15.87 -29.26
CA GLY C 123 5.90 -16.09 -27.98
C GLY C 123 6.82 -16.27 -26.77
N THR C 124 8.13 -16.24 -26.99
CA THR C 124 9.09 -16.30 -25.89
C THR C 124 9.06 -15.01 -25.03
N VAL C 125 8.82 -15.19 -23.73
CA VAL C 125 8.78 -14.07 -22.79
C VAL C 125 10.08 -14.00 -21.97
N LEU C 126 10.66 -12.81 -21.89
CA LEU C 126 11.81 -12.55 -21.02
C LEU C 126 11.43 -11.50 -20.00
N TRP C 127 11.46 -11.88 -18.73
CA TRP C 127 11.11 -10.96 -17.65
C TRP C 127 12.18 -11.01 -16.57
N ILE C 128 12.79 -9.86 -16.27
CA ILE C 128 13.97 -9.78 -15.40
C ILE C 128 13.77 -8.76 -14.25
N PRO C 129 12.89 -9.08 -13.29
CA PRO C 129 12.60 -8.13 -12.20
C PRO C 129 13.61 -8.12 -11.03
N PRO C 130 14.04 -6.93 -10.60
CA PRO C 130 14.75 -6.82 -9.32
C PRO C 130 13.89 -7.43 -8.20
N ALA C 131 14.54 -7.95 -7.17
CA ALA C 131 13.82 -8.63 -6.10
C ALA C 131 14.47 -8.42 -4.73
N VAL C 132 13.65 -8.53 -3.71
CA VAL C 132 14.15 -8.50 -2.34
C VAL C 132 13.77 -9.84 -1.68
N LEU C 133 14.77 -10.49 -1.10
CA LEU C 133 14.62 -11.83 -0.55
C LEU C 133 15.01 -11.82 0.91
N LYS C 134 14.16 -12.36 1.76
CA LYS C 134 14.44 -12.38 3.18
C LYS C 134 14.26 -13.79 3.70
N VAL C 135 15.36 -14.41 4.13
CA VAL C 135 15.36 -15.82 4.48
C VAL C 135 16.08 -16.05 5.79
N LEU C 136 15.83 -17.21 6.39
CA LEU C 136 16.48 -17.61 7.62
C LEU C 136 17.86 -18.21 7.35
N CYS C 137 18.88 -17.67 8.01
CA CYS C 137 20.25 -18.15 7.85
C CYS C 137 20.81 -18.73 9.14
N VAL C 138 21.85 -19.56 9.00
CA VAL C 138 22.67 -20.00 10.13
C VAL C 138 23.96 -19.18 10.18
N SER C 139 24.20 -18.50 11.30
CA SER C 139 25.44 -17.72 11.47
C SER C 139 26.32 -18.38 12.52
N GLN C 140 27.32 -19.13 12.06
CA GLN C 140 28.23 -19.81 12.95
C GLN C 140 29.64 -19.82 12.37
N ASP C 141 30.63 -19.60 13.22
CA ASP C 141 32.05 -19.65 12.85
C ASP C 141 32.43 -18.69 11.70
N ASP C 142 32.01 -17.43 11.82
CA ASP C 142 32.33 -16.39 10.83
C ASP C 142 31.84 -16.70 9.43
N VAL C 143 30.88 -17.62 9.33
CA VAL C 143 30.23 -17.94 8.07
C VAL C 143 28.72 -17.81 8.24
N ASP C 144 28.07 -17.21 7.24
CA ASP C 144 26.62 -17.11 7.20
C ASP C 144 26.07 -18.00 6.08
N SER C 145 25.33 -19.04 6.44
CA SER C 145 24.77 -19.94 5.42
C SER C 145 23.28 -19.72 5.25
N CYS C 146 22.87 -19.52 4.00
CA CYS C 146 21.50 -19.15 3.69
C CYS C 146 20.94 -20.00 2.57
N HIS C 147 19.65 -20.32 2.65
CA HIS C 147 19.01 -21.12 1.61
C HIS C 147 17.89 -20.34 0.93
N PHE C 148 17.73 -20.59 -0.37
CA PHE C 148 16.68 -19.98 -1.15
C PHE C 148 15.89 -21.06 -1.87
N GLN C 149 14.61 -21.19 -1.53
CA GLN C 149 13.77 -22.24 -2.08
C GLN C 149 12.64 -21.63 -2.93
N PHE C 150 12.63 -21.98 -4.22
CA PHE C 150 11.68 -21.38 -5.16
C PHE C 150 10.88 -22.45 -5.85
N GLY C 151 9.63 -22.14 -6.17
CA GLY C 151 8.83 -23.05 -6.97
C GLY C 151 7.45 -22.49 -7.25
N SER C 152 6.82 -22.99 -8.31
CA SER C 152 5.42 -22.69 -8.57
C SER C 152 4.59 -23.14 -7.36
N TRP C 153 3.60 -22.35 -6.98
CA TRP C 153 2.82 -22.71 -5.81
C TRP C 153 1.77 -23.77 -6.08
N VAL C 154 1.00 -23.62 -7.16
CA VAL C 154 -0.11 -24.55 -7.40
C VAL C 154 0.09 -25.48 -8.60
N TYR C 155 1.20 -25.30 -9.33
CA TYR C 155 1.42 -26.11 -10.53
C TYR C 155 2.47 -27.22 -10.35
N SER C 156 2.07 -28.43 -10.69
CA SER C 156 2.97 -29.59 -10.68
C SER C 156 3.84 -29.62 -11.93
N VAL C 157 4.84 -30.50 -11.94
CA VAL C 157 5.77 -30.62 -13.07
C VAL C 157 5.08 -30.97 -14.40
N ASP C 158 3.86 -31.49 -14.35
CA ASP C 158 3.07 -31.74 -15.56
C ASP C 158 2.64 -30.44 -16.24
N GLU C 159 2.59 -29.36 -15.46
CA GLU C 159 2.02 -28.11 -15.94
C GLU C 159 3.07 -26.99 -16.02
N VAL C 160 3.83 -26.85 -14.96
CA VAL C 160 4.93 -25.91 -14.95
C VAL C 160 6.20 -26.59 -14.48
N ASP C 161 7.18 -26.62 -15.38
CA ASP C 161 8.50 -27.17 -15.08
C ASP C 161 9.50 -26.01 -15.03
N ILE C 162 10.54 -26.15 -14.20
CA ILE C 162 11.57 -25.14 -14.06
C ILE C 162 12.93 -25.75 -14.31
N HIS C 163 13.79 -25.01 -15.02
CA HIS C 163 15.18 -25.41 -15.21
C HIS C 163 16.08 -24.19 -14.99
N PHE C 164 17.31 -24.43 -14.58
CA PHE C 164 18.25 -23.33 -14.38
C PHE C 164 18.56 -22.67 -15.71
N MET C 165 18.44 -21.35 -15.76
CA MET C 165 18.80 -20.60 -16.95
C MET C 165 20.28 -20.87 -17.29
N ASP C 166 20.52 -21.25 -18.55
CA ASP C 166 21.87 -21.55 -19.05
C ASP C 166 22.56 -22.72 -18.33
N ASP C 167 21.76 -23.63 -17.79
CA ASP C 167 22.26 -24.84 -17.14
C ASP C 167 23.21 -24.55 -15.99
N LYS C 168 23.16 -23.33 -15.45
CA LYS C 168 23.99 -22.94 -14.34
C LYS C 168 23.27 -23.12 -13.01
N ALA C 169 23.61 -24.18 -12.28
CA ALA C 169 23.00 -24.46 -10.98
C ALA C 169 23.72 -23.72 -9.85
N GLU C 170 23.58 -22.40 -9.84
CA GLU C 170 24.30 -21.55 -8.90
C GLU C 170 23.70 -20.15 -8.87
N VAL C 171 24.02 -19.38 -7.84
CA VAL C 171 23.67 -17.98 -7.83
C VAL C 171 24.55 -17.32 -8.88
N LEU C 172 23.94 -16.65 -9.84
CA LEU C 172 24.71 -15.93 -10.85
C LEU C 172 25.31 -14.67 -10.24
N LEU C 173 26.46 -14.27 -10.74
CA LEU C 173 27.20 -13.14 -10.19
C LEU C 173 27.38 -12.04 -11.21
N ASP C 174 26.62 -12.10 -12.30
CA ASP C 174 26.70 -11.11 -13.37
C ASP C 174 26.29 -9.69 -12.94
N PHE C 175 25.51 -9.59 -11.87
CA PHE C 175 25.11 -8.29 -11.32
C PHE C 175 25.70 -8.04 -9.93
N TYR C 176 26.67 -8.85 -9.52
CA TYR C 176 27.26 -8.71 -8.19
C TYR C 176 27.93 -7.36 -7.94
N GLN C 177 27.59 -6.73 -6.82
CA GLN C 177 28.06 -5.39 -6.51
C GLN C 177 28.48 -5.23 -5.07
N ASP C 178 28.72 -6.33 -4.37
CA ASP C 178 29.05 -6.24 -2.95
C ASP C 178 30.53 -6.53 -2.74
N SER C 179 30.95 -6.52 -1.48
CA SER C 179 32.35 -6.73 -1.14
C SER C 179 32.52 -7.97 -0.28
N LEU C 180 31.45 -8.72 -0.07
CA LEU C 180 31.48 -9.90 0.78
C LEU C 180 32.15 -11.06 0.06
N GLU C 181 32.82 -11.90 0.84
CA GLU C 181 33.50 -13.09 0.31
C GLU C 181 32.54 -14.26 0.26
N ILE C 182 32.43 -14.89 -0.91
CA ILE C 182 31.48 -16.00 -1.10
C ILE C 182 32.13 -17.36 -0.88
N LEU C 183 31.65 -18.10 0.12
CA LEU C 183 32.28 -19.36 0.51
C LEU C 183 31.65 -20.61 -0.13
N GLU C 184 30.33 -20.65 -0.20
CA GLU C 184 29.65 -21.75 -0.86
C GLU C 184 28.53 -21.24 -1.78
N ASN C 185 28.39 -21.89 -2.92
CA ASN C 185 27.44 -21.46 -3.94
C ASN C 185 27.04 -22.62 -4.85
N SER C 186 25.91 -23.24 -4.55
CA SER C 186 25.43 -24.35 -5.34
C SER C 186 23.92 -24.39 -5.29
N ALA C 187 23.30 -25.02 -6.28
CA ALA C 187 21.85 -25.10 -6.35
C ALA C 187 21.42 -26.46 -6.86
N GLN C 188 20.14 -26.79 -6.66
CA GLN C 188 19.63 -28.09 -7.08
C GLN C 188 18.16 -28.02 -7.51
N ARG C 189 17.84 -28.69 -8.62
CA ARG C 189 16.47 -28.82 -9.06
C ARG C 189 15.88 -30.14 -8.56
N GLN C 190 14.85 -30.05 -7.72
CA GLN C 190 14.25 -31.25 -7.14
C GLN C 190 12.79 -31.37 -7.49
N GLU C 191 12.28 -32.59 -7.43
CA GLU C 191 10.86 -32.84 -7.57
C GLU C 191 10.31 -33.34 -6.24
N VAL C 192 9.33 -32.62 -5.71
CA VAL C 192 8.86 -32.86 -4.35
C VAL C 192 7.39 -33.22 -4.30
N VAL C 193 7.04 -34.19 -3.47
CA VAL C 193 5.64 -34.50 -3.21
C VAL C 193 5.27 -34.03 -1.81
N TYR C 194 4.00 -33.69 -1.61
CA TYR C 194 3.52 -33.25 -0.31
C TYR C 194 2.34 -34.09 0.19
N PRO C 195 2.13 -34.12 1.52
CA PRO C 195 0.98 -34.82 2.09
C PRO C 195 -0.35 -34.07 1.90
N CYS C 196 -0.29 -32.81 1.50
CA CYS C 196 -1.50 -32.02 1.24
C CYS C 196 -2.02 -32.29 -0.18
N CYS C 197 -1.10 -32.71 -1.05
CA CYS C 197 -1.31 -32.67 -2.50
C CYS C 197 -0.99 -34.01 -3.16
N GLU C 198 -1.16 -34.09 -4.47
CA GLU C 198 -1.02 -35.36 -5.17
C GLU C 198 0.31 -35.55 -5.89
N SER C 199 0.58 -34.69 -6.87
CA SER C 199 1.68 -34.91 -7.81
C SER C 199 3.03 -34.32 -7.37
N ALA C 200 3.93 -34.18 -8.33
CA ALA C 200 5.29 -33.70 -8.04
C ALA C 200 5.46 -32.23 -8.43
N TYR C 201 6.17 -31.50 -7.57
CA TYR C 201 6.37 -30.08 -7.74
C TYR C 201 7.85 -29.77 -7.89
N VAL C 202 8.18 -28.93 -8.87
CA VAL C 202 9.57 -28.57 -9.11
C VAL C 202 9.99 -27.46 -8.16
N GLU C 203 11.03 -27.73 -7.39
CA GLU C 203 11.59 -26.70 -6.51
C GLU C 203 13.06 -26.50 -6.82
N MET C 204 13.47 -25.25 -6.82
CA MET C 204 14.86 -24.88 -7.05
C MET C 204 15.42 -24.44 -5.72
N LYS C 205 16.47 -25.11 -5.26
CA LYS C 205 17.02 -24.84 -3.95
C LYS C 205 18.45 -24.37 -4.06
N TYR C 206 18.71 -23.14 -3.63
CA TYR C 206 20.03 -22.57 -3.67
C TYR C 206 20.66 -22.61 -2.30
N LEU C 207 21.97 -22.75 -2.28
CA LEU C 207 22.73 -22.64 -1.04
C LEU C 207 23.81 -21.58 -1.24
N LEU C 208 23.82 -20.61 -0.34
CA LEU C 208 24.80 -19.54 -0.41
C LEU C 208 25.41 -19.33 0.96
N ALA C 209 26.73 -19.35 1.03
CA ALA C 209 27.44 -19.08 2.28
C ALA C 209 28.43 -17.95 2.10
N LEU C 210 28.44 -17.04 3.06
CA LEU C 210 29.25 -15.83 2.97
C LEU C 210 30.08 -15.67 4.24
N ARG C 211 31.30 -15.17 4.07
CA ARG C 211 32.17 -14.83 5.20
C ARG C 211 31.55 -13.66 5.99
N SER C 212 31.35 -13.86 7.28
CA SER C 212 30.80 -12.82 8.15
C SER C 212 31.83 -11.71 8.42
N ASN D 2 -8.72 -28.55 -23.95
CA ASN D 2 -8.53 -27.33 -24.74
C ASN D 2 -8.35 -26.08 -23.88
N GLY D 3 -7.52 -25.17 -24.36
CA GLY D 3 -7.13 -24.00 -23.58
C GLY D 3 -8.14 -22.88 -23.61
N LEU D 4 -8.86 -22.77 -24.72
CA LEU D 4 -9.90 -21.77 -24.86
C LEU D 4 -11.05 -22.10 -23.93
N MET D 5 -11.50 -23.35 -24.00
CA MET D 5 -12.61 -23.82 -23.17
C MET D 5 -12.33 -23.66 -21.68
N ALA D 6 -11.08 -23.87 -21.30
CA ALA D 6 -10.69 -23.77 -19.90
C ALA D 6 -10.87 -22.34 -19.39
N LYS D 7 -10.50 -21.38 -20.23
CA LYS D 7 -10.70 -19.96 -19.93
C LYS D 7 -12.18 -19.56 -20.04
N ARG D 8 -12.88 -20.13 -21.01
CA ARG D 8 -14.31 -19.86 -21.18
C ARG D 8 -15.06 -20.43 -19.99
N LEU D 9 -14.58 -21.56 -19.49
CA LEU D 9 -15.20 -22.17 -18.31
C LEU D 9 -15.03 -21.30 -17.07
N ARG D 10 -13.85 -20.71 -16.91
CA ARG D 10 -13.61 -19.83 -15.77
C ARG D 10 -14.56 -18.63 -15.81
N ARG D 11 -14.59 -17.96 -16.96
CA ARG D 11 -15.49 -16.85 -17.18
C ARG D 11 -16.94 -17.24 -16.89
N GLU D 12 -17.28 -18.46 -17.27
CA GLU D 12 -18.63 -18.98 -17.05
C GLU D 12 -18.96 -19.04 -15.56
N LEU D 13 -18.11 -19.73 -14.79
CA LEU D 13 -18.32 -19.87 -13.35
C LEU D 13 -18.28 -18.52 -12.63
N LEU D 14 -17.29 -17.69 -12.96
CA LEU D 14 -17.07 -16.44 -12.24
C LEU D 14 -18.13 -15.38 -12.56
N ASN D 15 -18.92 -15.64 -13.59
CA ASN D 15 -19.89 -14.68 -14.07
C ASN D 15 -20.95 -14.31 -13.03
N THR D 16 -21.42 -15.32 -12.29
CA THR D 16 -22.32 -15.08 -11.18
C THR D 16 -21.72 -14.07 -10.19
N TYR D 17 -20.51 -14.35 -9.73
CA TYR D 17 -19.83 -13.48 -8.81
C TYR D 17 -19.61 -12.06 -9.35
N GLU D 18 -19.44 -11.94 -10.67
CA GLU D 18 -19.21 -10.62 -11.27
C GLU D 18 -20.49 -9.80 -11.37
N GLN D 19 -21.62 -10.48 -11.48
CA GLN D 19 -22.91 -9.82 -11.61
C GLN D 19 -23.62 -9.55 -10.27
N LEU D 20 -23.37 -10.37 -9.26
CA LEU D 20 -24.07 -10.24 -7.98
C LEU D 20 -23.09 -9.97 -6.85
N GLY D 21 -21.81 -9.96 -7.18
CA GLY D 21 -20.80 -9.72 -6.17
C GLY D 21 -20.46 -10.97 -5.38
N LYS D 22 -19.43 -10.83 -4.54
CA LYS D 22 -18.82 -11.91 -3.79
C LYS D 22 -19.35 -12.00 -2.37
N SER D 23 -20.04 -10.96 -1.91
CA SER D 23 -20.55 -10.92 -0.55
C SER D 23 -21.66 -11.96 -0.34
N GLY D 24 -21.62 -12.64 0.81
CA GLY D 24 -22.68 -13.56 1.15
C GLY D 24 -22.36 -15.02 0.88
N LEU D 25 -22.96 -15.89 1.69
CA LEU D 25 -22.68 -17.32 1.63
C LEU D 25 -22.86 -17.89 0.23
N PRO D 26 -21.96 -18.80 -0.16
CA PRO D 26 -21.89 -19.25 -1.56
C PRO D 26 -22.95 -20.30 -1.91
N PHE D 27 -24.21 -19.87 -1.97
CA PHE D 27 -25.32 -20.71 -2.39
C PHE D 27 -26.24 -19.86 -3.27
N LEU D 28 -26.64 -20.38 -4.42
CA LEU D 28 -27.70 -19.73 -5.17
C LEU D 28 -29.08 -20.24 -4.72
N ASP D 29 -29.19 -21.53 -4.46
CA ASP D 29 -30.48 -22.11 -4.08
C ASP D 29 -30.75 -21.91 -2.59
N ASP D 30 -31.09 -22.99 -1.88
CA ASP D 30 -31.23 -22.92 -0.44
C ASP D 30 -29.91 -22.48 0.19
N ILE D 31 -29.97 -21.53 1.10
CA ILE D 31 -28.77 -21.15 1.81
C ILE D 31 -28.52 -22.18 2.88
N GLY D 32 -27.37 -22.83 2.79
CA GLY D 32 -27.00 -23.86 3.74
C GLY D 32 -25.90 -23.42 4.69
N LYS D 33 -25.11 -24.39 5.14
CA LYS D 33 -24.02 -24.13 6.06
C LYS D 33 -22.74 -24.49 5.33
N VAL D 34 -21.74 -23.62 5.41
CA VAL D 34 -20.44 -23.91 4.83
C VAL D 34 -19.58 -24.60 5.89
N ASP D 35 -18.99 -25.73 5.55
CA ASP D 35 -18.08 -26.41 6.48
C ASP D 35 -16.62 -26.15 6.05
N VAL D 36 -15.92 -25.28 6.78
CA VAL D 36 -14.54 -24.99 6.45
C VAL D 36 -13.59 -25.99 7.12
N LYS D 37 -12.73 -26.59 6.31
CA LYS D 37 -11.62 -27.37 6.81
C LYS D 37 -10.43 -26.45 6.95
N PHE D 38 -9.89 -26.35 8.17
CA PHE D 38 -8.81 -25.43 8.50
C PHE D 38 -7.55 -26.17 8.95
N GLY D 39 -6.42 -25.80 8.36
CA GLY D 39 -5.15 -26.35 8.78
C GLY D 39 -4.15 -25.22 8.94
N LEU D 40 -3.24 -25.37 9.91
CA LEU D 40 -2.21 -24.37 10.16
C LEU D 40 -0.85 -25.06 10.17
N SER D 41 -0.04 -24.80 9.14
CA SER D 41 1.28 -25.41 9.03
C SER D 41 2.35 -24.39 9.35
N LEU D 42 3.12 -24.63 10.41
CA LEU D 42 4.18 -23.72 10.81
C LEU D 42 5.39 -23.86 9.91
N GLN D 43 5.91 -22.73 9.43
CA GLN D 43 7.16 -22.73 8.68
C GLN D 43 8.37 -22.34 9.56
N LEU D 44 8.31 -21.18 10.18
CA LEU D 44 9.45 -20.73 10.97
C LEU D 44 9.07 -19.59 11.90
N LEU D 45 9.96 -19.31 12.85
CA LEU D 45 9.79 -18.17 13.72
C LEU D 45 10.60 -17.04 13.13
N LYS D 46 9.99 -15.87 12.97
CA LYS D 46 10.74 -14.72 12.52
C LYS D 46 11.46 -14.06 13.69
N SER D 47 10.72 -13.78 14.76
CA SER D 47 11.29 -13.12 15.93
C SER D 47 10.41 -13.28 17.16
N ILE D 48 11.07 -13.28 18.31
CA ILE D 48 10.38 -13.21 19.57
C ILE D 48 10.96 -12.01 20.35
N GLU D 49 10.15 -10.97 20.49
CA GLU D 49 10.61 -9.73 21.11
C GLU D 49 9.89 -9.46 22.41
N GLN D 50 10.65 -9.26 23.49
CA GLN D 50 10.10 -9.03 24.80
C GLN D 50 9.33 -7.71 24.83
N ARG D 51 8.16 -7.71 25.49
CA ARG D 51 7.42 -6.47 25.67
C ARG D 51 7.83 -5.80 26.98
N GLY D 52 8.40 -4.61 26.88
CA GLY D 52 8.96 -3.93 28.03
C GLY D 52 9.99 -4.79 28.75
N MET D 53 9.90 -4.84 30.08
CA MET D 53 10.78 -5.65 30.89
C MET D 53 9.96 -6.76 31.59
N GLY D 54 8.77 -7.01 31.05
CA GLY D 54 7.88 -8.00 31.64
C GLY D 54 8.05 -9.39 31.04
N PHE D 55 7.09 -10.26 31.32
CA PHE D 55 7.20 -11.66 30.94
C PHE D 55 6.39 -11.97 29.69
N ASN D 56 5.87 -10.93 29.06
CA ASN D 56 5.24 -11.08 27.75
C ASN D 56 6.14 -10.68 26.60
N SER D 57 5.77 -11.14 25.42
CA SER D 57 6.58 -10.93 24.24
C SER D 57 5.72 -10.99 23.00
N ILE D 58 6.25 -10.45 21.92
CA ILE D 58 5.59 -10.51 20.63
C ILE D 58 6.26 -11.53 19.72
N GLY D 59 5.51 -12.57 19.37
CA GLY D 59 5.99 -13.60 18.48
C GLY D 59 5.48 -13.37 17.06
N THR D 60 6.41 -13.36 16.11
CA THR D 60 6.06 -13.21 14.71
C THR D 60 6.43 -14.49 13.98
N PHE D 61 5.46 -15.09 13.31
CA PHE D 61 5.63 -16.40 12.69
C PHE D 61 5.28 -16.36 11.21
N LYS D 62 5.96 -17.19 10.43
CA LYS D 62 5.60 -17.46 9.05
C LYS D 62 4.91 -18.83 9.00
N ALA D 63 3.72 -18.89 8.44
CA ALA D 63 2.97 -20.15 8.37
C ALA D 63 2.23 -20.31 7.06
N ILE D 64 1.68 -21.49 6.84
CA ILE D 64 0.84 -21.74 5.69
C ILE D 64 -0.56 -22.05 6.20
N VAL D 65 -1.53 -21.23 5.81
CA VAL D 65 -2.91 -21.49 6.21
C VAL D 65 -3.61 -22.30 5.13
N LYS D 66 -4.03 -23.52 5.48
CA LYS D 66 -4.71 -24.42 4.56
C LYS D 66 -6.22 -24.35 4.75
N LEU D 67 -6.93 -23.95 3.71
CA LEU D 67 -8.39 -23.81 3.80
C LEU D 67 -9.06 -24.64 2.72
N SER D 68 -10.22 -25.21 3.06
CA SER D 68 -11.03 -25.93 2.10
C SER D 68 -12.52 -25.79 2.41
N TRP D 69 -13.32 -25.64 1.37
CA TRP D 69 -14.77 -25.54 1.52
C TRP D 69 -15.46 -25.83 0.20
N VAL D 70 -16.78 -25.99 0.24
CA VAL D 70 -17.54 -26.23 -0.98
C VAL D 70 -18.26 -24.96 -1.40
N ASP D 71 -18.10 -24.58 -2.65
CA ASP D 71 -18.80 -23.41 -3.15
C ASP D 71 -19.76 -23.90 -4.23
N THR D 72 -21.03 -23.80 -3.89
CA THR D 72 -22.13 -24.32 -4.68
C THR D 72 -22.20 -23.66 -6.05
N ILE D 73 -21.82 -22.39 -6.07
CA ILE D 73 -21.88 -21.58 -7.28
C ILE D 73 -20.81 -22.00 -8.30
N LEU D 74 -19.67 -22.50 -7.81
CA LEU D 74 -18.58 -22.88 -8.71
C LEU D 74 -18.64 -24.35 -9.11
N ARG D 75 -19.79 -24.78 -9.62
CA ARG D 75 -19.95 -26.16 -10.08
C ARG D 75 -20.09 -26.28 -11.58
N TRP D 76 -19.52 -27.33 -12.14
CA TRP D 76 -19.75 -27.68 -13.53
C TRP D 76 -19.70 -29.19 -13.69
N ASP D 77 -20.34 -29.70 -14.73
CA ASP D 77 -20.18 -31.10 -15.07
C ASP D 77 -19.03 -31.22 -16.05
N PRO D 78 -18.02 -32.00 -15.70
CA PRO D 78 -16.78 -32.12 -16.49
C PRO D 78 -16.92 -33.02 -17.72
N GLU D 79 -17.85 -32.68 -18.60
CA GLU D 79 -18.03 -33.39 -19.86
C GLU D 79 -18.01 -32.37 -21.01
N PRO D 80 -17.41 -32.74 -22.16
CA PRO D 80 -17.07 -31.91 -23.32
C PRO D 80 -17.94 -30.67 -23.54
N PRO D 81 -17.28 -29.52 -23.79
CA PRO D 81 -15.82 -29.40 -23.83
C PRO D 81 -15.22 -28.91 -22.50
N PHE D 82 -16.07 -28.48 -21.59
CA PHE D 82 -15.62 -28.04 -20.28
C PHE D 82 -15.42 -29.26 -19.38
N ASP D 83 -14.48 -30.11 -19.77
CA ASP D 83 -14.30 -31.41 -19.12
C ASP D 83 -13.04 -31.46 -18.24
N PHE D 84 -13.03 -30.62 -17.22
CA PHE D 84 -11.88 -30.53 -16.30
C PHE D 84 -12.31 -30.91 -14.88
N GLN D 85 -11.39 -31.50 -14.13
CA GLN D 85 -11.68 -31.89 -12.76
C GLN D 85 -11.33 -30.76 -11.80
N LYS D 86 -10.53 -29.81 -12.27
CA LYS D 86 -10.01 -28.73 -11.44
C LYS D 86 -9.74 -27.48 -12.28
N ILE D 87 -9.80 -26.32 -11.64
CA ILE D 87 -9.49 -25.06 -12.32
C ILE D 87 -8.84 -24.08 -11.31
N GLU D 88 -7.86 -23.29 -11.78
CA GLU D 88 -7.23 -22.31 -10.90
C GLU D 88 -7.99 -20.98 -10.95
N ILE D 89 -8.26 -20.44 -9.76
CA ILE D 89 -8.97 -19.17 -9.61
C ILE D 89 -8.31 -18.22 -8.58
N SER D 90 -8.35 -16.91 -8.83
CA SER D 90 -7.90 -15.94 -7.82
C SER D 90 -8.90 -15.87 -6.66
N PRO D 91 -8.42 -15.93 -5.41
CA PRO D 91 -9.27 -15.80 -4.21
C PRO D 91 -9.99 -14.46 -4.14
N ASP D 92 -9.46 -13.44 -4.80
CA ASP D 92 -10.12 -12.14 -4.88
C ASP D 92 -11.27 -12.11 -5.91
N GLU D 93 -11.50 -13.21 -6.61
CA GLU D 93 -12.60 -13.25 -7.57
C GLU D 93 -13.83 -14.06 -7.09
N ILE D 94 -13.70 -14.68 -5.93
CA ILE D 94 -14.79 -15.49 -5.38
C ILE D 94 -15.03 -15.17 -3.90
N TRP D 95 -16.09 -15.73 -3.33
CA TRP D 95 -16.28 -15.72 -1.89
C TRP D 95 -15.18 -16.48 -1.18
N THR D 96 -14.74 -15.95 -0.05
CA THR D 96 -13.81 -16.64 0.85
C THR D 96 -14.26 -16.42 2.30
N PRO D 97 -14.09 -17.43 3.16
CA PRO D 97 -14.46 -17.31 4.58
C PRO D 97 -13.78 -16.09 5.22
N ASP D 98 -14.50 -15.31 6.02
CA ASP D 98 -13.89 -14.12 6.64
C ASP D 98 -13.12 -14.53 7.90
N ILE D 99 -12.23 -15.51 7.75
CA ILE D 99 -11.54 -16.06 8.89
C ILE D 99 -10.42 -15.13 9.36
N LYS D 100 -10.49 -14.70 10.62
CA LYS D 100 -9.48 -13.80 11.18
C LYS D 100 -8.68 -14.41 12.32
N LEU D 101 -7.46 -13.91 12.49
CA LEU D 101 -6.65 -14.21 13.66
C LEU D 101 -7.08 -13.19 14.72
N PHE D 102 -7.85 -13.66 15.69
CA PHE D 102 -8.54 -12.76 16.62
C PHE D 102 -7.55 -12.08 17.54
N ASN D 103 -6.60 -12.85 18.04
CA ASN D 103 -5.61 -12.33 18.98
C ASN D 103 -4.39 -11.74 18.28
N SER D 104 -4.58 -11.33 17.02
CA SER D 104 -3.54 -10.62 16.29
C SER D 104 -3.12 -9.36 17.01
N VAL D 105 -1.81 -9.17 17.10
CA VAL D 105 -1.21 -7.96 17.66
C VAL D 105 -1.37 -6.78 16.68
N ASP D 106 -1.53 -7.10 15.40
CA ASP D 106 -1.89 -6.13 14.36
C ASP D 106 -3.38 -6.25 14.06
N LEU D 107 -3.83 -5.67 12.94
CA LEU D 107 -5.25 -5.70 12.58
C LEU D 107 -5.74 -7.12 12.42
N ASP D 108 -4.91 -7.93 11.74
CA ASP D 108 -5.22 -9.33 11.48
C ASP D 108 -3.93 -9.98 11.02
N MET D 109 -3.95 -11.30 10.85
CA MET D 109 -2.89 -11.99 10.14
C MET D 109 -2.87 -11.46 8.70
N THR D 110 -1.74 -11.58 8.03
CA THR D 110 -1.72 -11.27 6.61
C THR D 110 -1.62 -12.57 5.82
N LEU D 111 -2.56 -12.79 4.91
CA LEU D 111 -2.48 -13.91 3.98
C LEU D 111 -2.03 -13.35 2.66
N ASP D 112 -1.27 -14.16 1.92
CA ASP D 112 -0.88 -13.77 0.59
C ASP D 112 -2.04 -14.08 -0.36
N ARG D 113 -2.84 -13.07 -0.65
CA ARG D 113 -3.99 -13.23 -1.53
C ARG D 113 -3.65 -13.27 -3.03
N THR D 114 -2.37 -13.12 -3.39
CA THR D 114 -1.96 -13.37 -4.78
C THR D 114 -1.90 -14.86 -5.00
N THR D 115 -1.81 -15.63 -3.91
CA THR D 115 -1.82 -17.09 -3.99
C THR D 115 -3.14 -17.58 -4.57
N GLN D 116 -3.09 -18.32 -5.67
CA GLN D 116 -4.31 -18.83 -6.31
C GLN D 116 -4.98 -19.97 -5.53
N ALA D 117 -6.28 -20.11 -5.70
CA ALA D 117 -7.02 -21.24 -5.14
C ALA D 117 -7.33 -22.22 -6.25
N ILE D 118 -7.63 -23.45 -5.87
CA ILE D 118 -7.98 -24.49 -6.83
C ILE D 118 -9.42 -24.96 -6.64
N VAL D 119 -10.23 -24.82 -7.68
CA VAL D 119 -11.63 -25.19 -7.60
C VAL D 119 -11.88 -26.49 -8.35
N PHE D 120 -12.53 -27.44 -7.69
CA PHE D 120 -12.86 -28.72 -8.30
C PHE D 120 -14.26 -28.71 -8.92
N SER D 121 -14.50 -29.64 -9.83
CA SER D 121 -15.80 -29.79 -10.50
C SER D 121 -16.95 -29.82 -9.50
N ASN D 122 -16.72 -30.46 -8.35
CA ASN D 122 -17.79 -30.68 -7.38
C ASN D 122 -17.98 -29.47 -6.47
N GLY D 123 -17.22 -28.41 -6.75
CA GLY D 123 -17.34 -27.15 -6.05
C GLY D 123 -16.41 -26.99 -4.86
N THR D 124 -15.66 -28.06 -4.55
CA THR D 124 -14.72 -28.04 -3.45
C THR D 124 -13.54 -27.11 -3.74
N VAL D 125 -13.42 -26.03 -2.96
CA VAL D 125 -12.31 -25.11 -3.13
C VAL D 125 -11.19 -25.49 -2.17
N LEU D 126 -9.96 -25.41 -2.66
CA LEU D 126 -8.79 -25.61 -1.82
C LEU D 126 -7.90 -24.39 -1.98
N TRP D 127 -7.62 -23.71 -0.87
CA TRP D 127 -6.81 -22.50 -0.89
C TRP D 127 -5.77 -22.57 0.21
N ILE D 128 -4.51 -22.47 -0.21
CA ILE D 128 -3.39 -22.68 0.71
C ILE D 128 -2.42 -21.48 0.71
N PRO D 129 -2.87 -20.33 1.25
CA PRO D 129 -1.98 -19.15 1.25
C PRO D 129 -0.91 -19.17 2.33
N PRO D 130 0.32 -18.77 1.96
CA PRO D 130 1.31 -18.39 2.97
C PRO D 130 0.77 -17.28 3.90
N ALA D 131 1.31 -17.20 5.11
CA ALA D 131 0.75 -16.31 6.13
C ALA D 131 1.79 -15.81 7.13
N VAL D 132 1.54 -14.60 7.64
CA VAL D 132 2.36 -14.04 8.72
C VAL D 132 1.49 -13.77 9.95
N LEU D 133 1.92 -14.28 11.10
CA LEU D 133 1.12 -14.25 12.31
C LEU D 133 1.90 -13.59 13.42
N LYS D 134 1.28 -12.60 14.04
CA LYS D 134 1.93 -11.83 15.10
C LYS D 134 1.02 -11.85 16.33
N VAL D 135 1.48 -12.52 17.38
CA VAL D 135 0.66 -12.69 18.58
C VAL D 135 1.44 -12.40 19.85
N LEU D 136 0.69 -12.24 20.93
CA LEU D 136 1.27 -12.02 22.24
C LEU D 136 1.61 -13.37 22.89
N CYS D 137 2.86 -13.52 23.35
CA CYS D 137 3.29 -14.76 24.01
C CYS D 137 3.66 -14.51 25.47
N VAL D 138 3.88 -15.61 26.19
CA VAL D 138 4.47 -15.56 27.51
C VAL D 138 5.88 -16.13 27.40
N SER D 139 6.86 -15.40 27.90
CA SER D 139 8.24 -15.86 27.86
C SER D 139 8.76 -15.93 29.28
N GLN D 140 8.81 -17.14 29.82
CA GLN D 140 9.02 -17.36 31.24
C GLN D 140 9.70 -18.71 31.43
N ASP D 141 10.82 -18.71 32.16
CA ASP D 141 11.57 -19.94 32.44
C ASP D 141 12.04 -20.65 31.17
N ASP D 142 12.62 -19.89 30.25
CA ASP D 142 13.20 -20.41 29.01
C ASP D 142 12.18 -21.12 28.10
N VAL D 143 10.93 -20.72 28.22
CA VAL D 143 9.86 -21.23 27.38
C VAL D 143 9.03 -20.09 26.80
N ASP D 144 8.81 -20.12 25.49
CA ASP D 144 7.90 -19.18 24.84
C ASP D 144 6.59 -19.87 24.44
N SER D 145 5.51 -19.58 25.17
CA SER D 145 4.21 -20.17 24.88
C SER D 145 3.30 -19.16 24.18
N CYS D 146 2.83 -19.52 22.98
CA CYS D 146 1.99 -18.62 22.16
C CYS D 146 0.65 -19.26 21.82
N HIS D 147 -0.39 -18.43 21.79
CA HIS D 147 -1.72 -18.88 21.43
C HIS D 147 -2.08 -18.33 20.06
N PHE D 148 -2.81 -19.11 19.28
CA PHE D 148 -3.35 -18.61 18.02
C PHE D 148 -4.84 -18.88 17.98
N GLN D 149 -5.61 -17.85 17.65
CA GLN D 149 -7.05 -17.93 17.74
C GLN D 149 -7.69 -17.50 16.41
N PHE D 150 -8.44 -18.41 15.79
CA PHE D 150 -8.99 -18.18 14.47
C PHE D 150 -10.48 -18.38 14.47
N GLY D 151 -11.17 -17.67 13.58
CA GLY D 151 -12.60 -17.90 13.38
C GLY D 151 -13.18 -16.92 12.38
N SER D 152 -14.37 -17.21 11.90
CA SER D 152 -15.11 -16.29 11.06
C SER D 152 -15.57 -15.14 11.91
N TRP D 153 -15.44 -13.91 11.40
CA TRP D 153 -15.79 -12.74 12.18
C TRP D 153 -17.30 -12.58 12.35
N VAL D 154 -18.04 -12.63 11.25
CA VAL D 154 -19.47 -12.32 11.28
C VAL D 154 -20.41 -13.54 11.24
N TYR D 155 -19.90 -14.70 10.83
CA TYR D 155 -20.78 -15.86 10.62
C TYR D 155 -20.80 -16.85 11.81
N SER D 156 -22.02 -17.13 12.30
CA SER D 156 -22.21 -18.09 13.39
C SER D 156 -22.04 -19.54 12.92
N VAL D 157 -22.08 -20.46 13.88
CA VAL D 157 -21.95 -21.90 13.61
C VAL D 157 -23.01 -22.45 12.63
N ASP D 158 -24.19 -21.84 12.61
CA ASP D 158 -25.22 -22.24 11.64
C ASP D 158 -24.99 -21.67 10.23
N GLU D 159 -23.92 -20.91 10.07
CA GLU D 159 -23.62 -20.30 8.77
C GLU D 159 -22.23 -20.68 8.27
N VAL D 160 -21.22 -20.53 9.12
CA VAL D 160 -19.88 -21.04 8.82
C VAL D 160 -19.39 -21.90 9.98
N ASP D 161 -19.05 -23.15 9.68
CA ASP D 161 -18.51 -24.06 10.67
C ASP D 161 -17.04 -24.34 10.34
N ILE D 162 -16.25 -24.74 11.34
CA ILE D 162 -14.85 -25.04 11.12
C ILE D 162 -14.47 -26.34 11.81
N HIS D 163 -13.70 -27.17 11.11
CA HIS D 163 -13.09 -28.36 11.71
C HIS D 163 -11.64 -28.47 11.28
N PHE D 164 -10.83 -29.10 12.11
CA PHE D 164 -9.42 -29.29 11.80
C PHE D 164 -9.30 -30.16 10.56
N MET D 165 -8.36 -29.78 9.68
CA MET D 165 -8.10 -30.62 8.52
C MET D 165 -7.59 -31.97 8.99
N ASP D 166 -8.13 -33.04 8.39
CA ASP D 166 -7.79 -34.41 8.76
C ASP D 166 -7.88 -34.66 10.27
N ASP D 167 -8.80 -33.94 10.92
CA ASP D 167 -9.01 -33.99 12.38
C ASP D 167 -7.75 -34.05 13.23
N LYS D 168 -6.73 -33.27 12.86
CA LYS D 168 -5.53 -33.16 13.69
C LYS D 168 -5.55 -31.84 14.46
N ALA D 169 -5.86 -31.92 15.76
CA ALA D 169 -5.91 -30.72 16.58
C ALA D 169 -4.52 -30.32 17.06
N GLU D 170 -3.70 -29.82 16.14
CA GLU D 170 -2.33 -29.40 16.44
C GLU D 170 -1.76 -28.60 15.28
N VAL D 171 -0.68 -27.86 15.53
CA VAL D 171 0.05 -27.22 14.46
C VAL D 171 0.71 -28.29 13.59
N LEU D 172 0.43 -28.25 12.29
CA LEU D 172 1.06 -29.19 11.37
C LEU D 172 2.51 -28.80 11.06
N LEU D 173 3.32 -29.82 10.79
CA LEU D 173 4.76 -29.65 10.66
C LEU D 173 5.25 -30.13 9.31
N ASP D 174 4.31 -30.38 8.40
CA ASP D 174 4.63 -30.77 7.04
C ASP D 174 5.45 -29.71 6.29
N PHE D 175 5.36 -28.45 6.74
CA PHE D 175 6.16 -27.38 6.14
C PHE D 175 7.22 -26.82 7.08
N TYR D 176 7.50 -27.51 8.18
CA TYR D 176 8.43 -27.01 9.18
C TYR D 176 9.85 -26.91 8.63
N GLN D 177 10.49 -25.75 8.85
CA GLN D 177 11.82 -25.49 8.33
C GLN D 177 12.68 -24.79 9.35
N ASP D 178 12.29 -24.84 10.62
CA ASP D 178 13.04 -24.12 11.66
C ASP D 178 13.86 -25.10 12.49
N SER D 179 14.68 -24.56 13.39
CA SER D 179 15.50 -25.41 14.23
C SER D 179 15.01 -25.40 15.68
N LEU D 180 13.92 -24.69 15.94
CA LEU D 180 13.42 -24.57 17.31
C LEU D 180 12.82 -25.86 17.83
N GLU D 181 12.94 -26.08 19.13
CA GLU D 181 12.37 -27.26 19.75
C GLU D 181 10.94 -26.99 20.17
N ILE D 182 10.01 -27.75 19.62
CA ILE D 182 8.60 -27.62 19.96
C ILE D 182 8.30 -28.41 21.22
N LEU D 183 8.01 -27.69 22.30
CA LEU D 183 7.81 -28.32 23.59
C LEU D 183 6.36 -28.75 23.74
N GLU D 184 5.50 -28.03 23.05
CA GLU D 184 4.07 -28.20 23.22
C GLU D 184 3.32 -27.76 21.98
N ASN D 185 2.28 -28.53 21.64
CA ASN D 185 1.55 -28.32 20.40
C ASN D 185 0.20 -29.02 20.49
N SER D 186 -0.82 -28.25 20.84
CA SER D 186 -2.18 -28.76 20.91
C SER D 186 -3.12 -27.72 20.34
N ALA D 187 -4.35 -28.11 20.03
CA ALA D 187 -5.34 -27.18 19.51
C ALA D 187 -6.70 -27.61 19.98
N GLN D 188 -7.72 -26.82 19.66
CA GLN D 188 -9.05 -27.06 20.20
C GLN D 188 -10.14 -26.31 19.42
N ARG D 189 -11.23 -26.99 19.13
CA ARG D 189 -12.40 -26.35 18.51
C ARG D 189 -13.47 -26.02 19.56
N GLN D 190 -13.79 -24.75 19.67
CA GLN D 190 -14.78 -24.28 20.64
C GLN D 190 -15.91 -23.53 19.96
N GLU D 191 -17.08 -23.53 20.60
CA GLU D 191 -18.21 -22.74 20.14
C GLU D 191 -18.56 -21.68 21.18
N VAL D 192 -18.35 -20.43 20.81
CA VAL D 192 -18.29 -19.32 21.75
C VAL D 192 -19.46 -18.37 21.56
N VAL D 193 -20.13 -18.01 22.66
CA VAL D 193 -21.19 -17.01 22.64
C VAL D 193 -20.67 -15.65 23.09
N TYR D 194 -21.29 -14.58 22.61
CA TYR D 194 -20.79 -13.23 22.90
C TYR D 194 -21.81 -12.27 23.54
N PRO D 195 -21.31 -11.36 24.40
CA PRO D 195 -22.16 -10.32 24.99
C PRO D 195 -22.54 -9.27 23.94
N CYS D 196 -21.85 -9.30 22.80
CA CYS D 196 -22.12 -8.36 21.72
C CYS D 196 -23.22 -8.87 20.79
N CYS D 197 -23.37 -10.20 20.69
CA CYS D 197 -24.12 -10.78 19.59
C CYS D 197 -25.14 -11.84 20.00
N GLU D 198 -25.42 -12.76 19.09
CA GLU D 198 -26.54 -13.69 19.25
C GLU D 198 -26.13 -15.16 19.43
N SER D 199 -25.69 -15.79 18.34
CA SER D 199 -25.48 -17.23 18.33
C SER D 199 -24.11 -17.62 18.88
N ALA D 200 -23.74 -18.88 18.63
CA ALA D 200 -22.41 -19.36 18.93
C ALA D 200 -21.53 -19.19 17.69
N TYR D 201 -20.24 -18.97 17.91
CA TYR D 201 -19.30 -18.81 16.82
C TYR D 201 -18.18 -19.81 16.96
N VAL D 202 -17.69 -20.31 15.83
CA VAL D 202 -16.66 -21.35 15.89
C VAL D 202 -15.26 -20.76 15.86
N GLU D 203 -14.47 -21.11 16.87
CA GLU D 203 -13.09 -20.66 17.01
C GLU D 203 -12.14 -21.83 17.20
N MET D 204 -11.08 -21.85 16.40
CA MET D 204 -10.00 -22.81 16.56
C MET D 204 -8.90 -22.16 17.40
N LYS D 205 -8.57 -22.77 18.55
CA LYS D 205 -7.52 -22.23 19.42
C LYS D 205 -6.30 -23.15 19.51
N TYR D 206 -5.19 -22.67 18.95
CA TYR D 206 -3.93 -23.41 18.99
C TYR D 206 -3.07 -22.92 20.16
N LEU D 207 -2.35 -23.86 20.76
CA LEU D 207 -1.32 -23.55 21.75
C LEU D 207 0.03 -24.07 21.27
N LEU D 208 1.00 -23.17 21.13
CA LEU D 208 2.34 -23.54 20.74
C LEU D 208 3.35 -23.05 21.78
N ALA D 209 4.26 -23.95 22.17
CA ALA D 209 5.35 -23.63 23.09
C ALA D 209 6.71 -24.01 22.50
N LEU D 210 7.63 -23.07 22.51
CA LEU D 210 8.96 -23.28 21.95
C LEU D 210 10.04 -23.09 23.00
N ARG D 211 11.10 -23.89 22.90
CA ARG D 211 12.28 -23.69 23.72
C ARG D 211 12.96 -22.39 23.30
N SER D 212 13.23 -21.53 24.28
CA SER D 212 13.78 -20.20 24.02
C SER D 212 15.29 -20.24 23.82
N ASN E 2 -33.54 -18.20 0.07
CA ASN E 2 -32.85 -18.48 -1.18
C ASN E 2 -31.60 -17.60 -1.42
N GLY E 3 -30.51 -18.23 -1.83
CA GLY E 3 -29.23 -17.56 -1.94
C GLY E 3 -29.17 -16.47 -2.98
N LEU E 4 -29.66 -16.78 -4.18
CA LEU E 4 -29.77 -15.80 -5.25
C LEU E 4 -30.57 -14.58 -4.83
N MET E 5 -31.76 -14.82 -4.25
CA MET E 5 -32.60 -13.73 -3.76
C MET E 5 -31.86 -12.81 -2.77
N ALA E 6 -30.97 -13.37 -1.96
CA ALA E 6 -30.17 -12.57 -1.04
C ALA E 6 -29.17 -11.66 -1.76
N LYS E 7 -28.50 -12.20 -2.78
CA LYS E 7 -27.53 -11.40 -3.53
C LYS E 7 -28.27 -10.32 -4.32
N ARG E 8 -29.40 -10.67 -4.94
CA ARG E 8 -30.21 -9.67 -5.63
C ARG E 8 -30.69 -8.58 -4.69
N LEU E 9 -31.06 -8.94 -3.46
CA LEU E 9 -31.46 -7.95 -2.48
C LEU E 9 -30.29 -6.97 -2.19
N ARG E 10 -29.09 -7.52 -2.02
CA ARG E 10 -27.91 -6.68 -1.78
C ARG E 10 -27.72 -5.73 -2.94
N ARG E 11 -27.76 -6.26 -4.16
CA ARG E 11 -27.61 -5.43 -5.34
C ARG E 11 -28.67 -4.34 -5.41
N GLU E 12 -29.92 -4.67 -5.06
CA GLU E 12 -30.97 -3.64 -5.03
C GLU E 12 -30.67 -2.54 -3.99
N LEU E 13 -30.23 -2.94 -2.80
CA LEU E 13 -29.97 -1.98 -1.72
C LEU E 13 -28.82 -1.03 -2.05
N LEU E 14 -27.82 -1.57 -2.73
CA LEU E 14 -26.58 -0.87 -3.02
C LEU E 14 -26.62 -0.05 -4.32
N ASN E 15 -27.69 -0.20 -5.10
CA ASN E 15 -27.80 0.53 -6.37
C ASN E 15 -27.78 2.05 -6.17
N THR E 16 -28.52 2.50 -5.17
CA THR E 16 -28.54 3.90 -4.80
C THR E 16 -27.11 4.42 -4.55
N TYR E 17 -26.36 3.72 -3.72
CA TYR E 17 -25.00 4.09 -3.41
C TYR E 17 -24.09 4.04 -4.64
N GLU E 18 -24.42 3.17 -5.59
CA GLU E 18 -23.61 2.97 -6.80
C GLU E 18 -23.86 4.06 -7.82
N GLN E 19 -25.12 4.43 -8.00
CA GLN E 19 -25.46 5.49 -8.94
C GLN E 19 -25.18 6.91 -8.37
N LEU E 20 -25.29 7.05 -7.06
CA LEU E 20 -25.30 8.37 -6.43
C LEU E 20 -24.06 8.66 -5.58
N GLY E 21 -23.37 7.60 -5.15
CA GLY E 21 -22.18 7.77 -4.34
C GLY E 21 -22.43 7.54 -2.86
N LYS E 22 -21.36 7.32 -2.11
CA LYS E 22 -21.42 7.09 -0.67
C LYS E 22 -21.32 8.35 0.18
N SER E 23 -20.91 9.47 -0.43
CA SER E 23 -20.77 10.73 0.30
C SER E 23 -22.14 11.29 0.67
N GLY E 24 -22.23 11.96 1.82
CA GLY E 24 -23.48 12.53 2.30
C GLY E 24 -24.19 11.67 3.32
N LEU E 25 -25.00 12.30 4.17
CA LEU E 25 -25.70 11.58 5.24
C LEU E 25 -26.72 10.62 4.64
N PRO E 26 -26.89 9.46 5.25
CA PRO E 26 -27.73 8.39 4.67
C PRO E 26 -29.23 8.61 4.85
N PHE E 27 -29.79 9.51 4.05
CA PHE E 27 -31.23 9.77 3.99
C PHE E 27 -31.64 9.99 2.54
N LEU E 28 -32.73 9.37 2.11
CA LEU E 28 -33.27 9.70 0.81
C LEU E 28 -34.42 10.69 0.92
N ASP E 29 -35.11 10.68 2.05
CA ASP E 29 -36.13 11.70 2.30
C ASP E 29 -35.52 12.85 3.10
N ASP E 30 -36.27 13.33 4.09
CA ASP E 30 -35.82 14.44 4.90
C ASP E 30 -34.51 14.12 5.60
N ILE E 31 -33.52 14.99 5.41
CA ILE E 31 -32.24 14.80 6.07
C ILE E 31 -32.40 15.02 7.56
N GLY E 32 -31.93 14.06 8.35
CA GLY E 32 -31.96 14.17 9.79
C GLY E 32 -30.61 13.95 10.40
N LYS E 33 -30.62 13.41 11.62
CA LYS E 33 -29.40 13.19 12.39
C LYS E 33 -29.10 11.71 12.47
N VAL E 34 -27.86 11.34 12.20
CA VAL E 34 -27.42 9.97 12.42
C VAL E 34 -26.96 9.88 13.86
N ASP E 35 -27.45 8.85 14.56
CA ASP E 35 -27.06 8.62 15.94
C ASP E 35 -26.17 7.39 16.02
N VAL E 36 -24.87 7.60 16.25
CA VAL E 36 -23.92 6.50 16.27
C VAL E 36 -23.71 5.96 17.70
N LYS E 37 -23.79 4.65 17.85
CA LYS E 37 -23.39 4.02 19.10
C LYS E 37 -21.95 3.56 18.94
N PHE E 38 -21.11 3.93 19.90
CA PHE E 38 -19.67 3.68 19.84
C PHE E 38 -19.22 2.92 21.08
N GLY E 39 -18.45 1.87 20.84
CA GLY E 39 -17.87 1.07 21.91
C GLY E 39 -16.40 0.81 21.58
N LEU E 40 -15.57 0.88 22.60
CA LEU E 40 -14.16 0.56 22.40
C LEU E 40 -13.79 -0.63 23.29
N SER E 41 -13.41 -1.74 22.66
CA SER E 41 -13.03 -2.96 23.39
C SER E 41 -11.55 -3.26 23.28
N LEU E 42 -10.84 -3.05 24.39
CA LEU E 42 -9.40 -3.30 24.42
C LEU E 42 -9.09 -4.78 24.32
N GLN E 43 -8.17 -5.13 23.43
CA GLN E 43 -7.68 -6.51 23.40
C GLN E 43 -6.35 -6.66 24.13
N LEU E 44 -5.35 -5.86 23.73
CA LEU E 44 -4.03 -6.00 24.30
C LEU E 44 -3.17 -4.78 24.04
N LEU E 45 -2.06 -4.72 24.79
CA LEU E 45 -1.09 -3.67 24.58
C LEU E 45 0.00 -4.26 23.72
N LYS E 46 0.31 -3.59 22.61
CA LYS E 46 1.40 -4.05 21.78
C LYS E 46 2.72 -3.56 22.36
N SER E 47 2.76 -2.27 22.67
CA SER E 47 3.99 -1.69 23.18
C SER E 47 3.75 -0.32 23.79
N ILE E 48 4.66 0.04 24.67
CA ILE E 48 4.72 1.41 25.13
C ILE E 48 6.20 1.83 25.17
N GLU E 49 6.54 2.81 24.35
CA GLU E 49 7.93 3.22 24.20
C GLU E 49 8.09 4.66 24.66
N GLN E 50 9.02 4.86 25.59
CA GLN E 50 9.34 6.18 26.09
C GLN E 50 9.77 7.13 24.95
N ARG E 51 9.24 8.35 24.98
CA ARG E 51 9.67 9.36 24.03
C ARG E 51 10.84 10.20 24.58
N GLY E 52 11.99 10.12 23.90
CA GLY E 52 13.23 10.66 24.40
C GLY E 52 13.56 10.14 25.78
N MET E 53 13.88 11.06 26.69
CA MET E 53 14.07 10.72 28.10
C MET E 53 13.11 11.49 29.00
N GLY E 54 11.95 11.84 28.46
CA GLY E 54 10.94 12.55 29.23
C GLY E 54 9.92 11.62 29.89
N PHE E 55 8.81 12.20 30.31
CA PHE E 55 7.76 11.45 31.00
C PHE E 55 6.65 11.02 30.06
N ASN E 56 6.87 11.20 28.77
CA ASN E 56 5.87 10.75 27.82
C ASN E 56 6.36 9.52 27.10
N SER E 57 5.40 8.82 26.50
CA SER E 57 5.68 7.59 25.78
C SER E 57 4.61 7.38 24.72
N ILE E 58 4.90 6.50 23.77
CA ILE E 58 3.91 6.17 22.76
C ILE E 58 3.35 4.79 23.08
N GLY E 59 2.03 4.71 23.22
CA GLY E 59 1.37 3.45 23.47
C GLY E 59 0.66 2.96 22.21
N THR E 60 0.92 1.71 21.85
CA THR E 60 0.31 1.10 20.69
C THR E 60 -0.61 -0.04 21.14
N PHE E 61 -1.89 0.10 20.81
CA PHE E 61 -2.92 -0.78 21.34
C PHE E 61 -3.62 -1.47 20.20
N LYS E 62 -4.05 -2.70 20.47
CA LYS E 62 -4.93 -3.45 19.60
C LYS E 62 -6.32 -3.53 20.26
N ALA E 63 -7.35 -3.22 19.47
CA ALA E 63 -8.70 -3.15 20.01
C ALA E 63 -9.75 -3.54 18.98
N ILE E 64 -10.98 -3.59 19.44
CA ILE E 64 -12.12 -3.79 18.57
C ILE E 64 -13.01 -2.57 18.70
N VAL E 65 -13.24 -1.87 17.59
CA VAL E 65 -14.16 -0.73 17.58
C VAL E 65 -15.55 -1.17 17.13
N LYS E 66 -16.55 -0.94 17.98
CA LYS E 66 -17.91 -1.32 17.67
C LYS E 66 -18.75 -0.09 17.31
N LEU E 67 -19.27 -0.09 16.09
CA LEU E 67 -20.12 0.98 15.62
C LEU E 67 -21.52 0.48 15.24
N SER E 68 -22.53 1.27 15.59
CA SER E 68 -23.86 1.04 15.09
C SER E 68 -24.61 2.34 14.80
N TRP E 69 -25.41 2.32 13.74
CA TRP E 69 -26.16 3.50 13.31
C TRP E 69 -27.26 3.05 12.36
N VAL E 70 -28.21 3.93 12.08
CA VAL E 70 -29.29 3.58 11.17
C VAL E 70 -29.06 4.23 9.81
N ASP E 71 -29.00 3.39 8.79
CA ASP E 71 -28.93 3.86 7.41
C ASP E 71 -30.30 3.65 6.81
N THR E 72 -30.98 4.76 6.58
CA THR E 72 -32.33 4.79 6.06
C THR E 72 -32.42 4.30 4.61
N ILE E 73 -31.33 4.42 3.88
CA ILE E 73 -31.26 3.98 2.49
C ILE E 73 -31.23 2.45 2.38
N LEU E 74 -30.68 1.78 3.40
CA LEU E 74 -30.52 0.33 3.36
C LEU E 74 -31.70 -0.43 4.00
N ARG E 75 -32.90 0.13 3.92
CA ARG E 75 -34.11 -0.49 4.47
C ARG E 75 -34.83 -1.36 3.46
N TRP E 76 -35.35 -2.50 3.90
CA TRP E 76 -36.25 -3.24 3.06
C TRP E 76 -37.37 -3.86 3.88
N ASP E 77 -38.44 -4.27 3.22
CA ASP E 77 -39.45 -5.03 3.91
C ASP E 77 -39.13 -6.49 3.74
N PRO E 78 -38.91 -7.18 4.88
CA PRO E 78 -38.50 -8.58 4.94
C PRO E 78 -39.68 -9.52 4.76
N GLU E 79 -40.34 -9.40 3.62
CA GLU E 79 -41.38 -10.33 3.19
C GLU E 79 -40.91 -10.95 1.88
N PRO E 80 -41.39 -12.17 1.57
CA PRO E 80 -40.97 -12.93 0.38
C PRO E 80 -41.02 -12.09 -0.90
N PRO E 81 -40.04 -12.28 -1.79
CA PRO E 81 -38.94 -13.23 -1.63
C PRO E 81 -37.68 -12.57 -1.06
N PHE E 82 -37.85 -11.49 -0.30
CA PHE E 82 -36.75 -10.84 0.39
C PHE E 82 -36.88 -10.95 1.92
N ASP E 83 -37.30 -12.13 2.37
CA ASP E 83 -37.56 -12.40 3.77
C ASP E 83 -36.27 -12.72 4.53
N PHE E 84 -35.37 -11.73 4.59
CA PHE E 84 -34.12 -11.87 5.33
C PHE E 84 -34.13 -10.83 6.43
N GLN E 85 -33.71 -11.23 7.62
CA GLN E 85 -33.67 -10.31 8.76
C GLN E 85 -32.46 -9.39 8.70
N LYS E 86 -31.41 -9.86 8.05
CA LYS E 86 -30.16 -9.10 7.98
C LYS E 86 -29.34 -9.59 6.79
N ILE E 87 -28.39 -8.77 6.39
CA ILE E 87 -27.49 -9.12 5.28
C ILE E 87 -26.09 -8.55 5.55
N GLU E 88 -25.05 -9.27 5.15
CA GLU E 88 -23.68 -8.77 5.27
C GLU E 88 -23.33 -7.89 4.07
N ILE E 89 -22.65 -6.78 4.33
CA ILE E 89 -22.19 -5.85 3.30
C ILE E 89 -20.78 -5.34 3.64
N SER E 90 -19.95 -5.18 2.62
CA SER E 90 -18.66 -4.50 2.76
C SER E 90 -18.82 -3.02 3.15
N PRO E 91 -18.08 -2.56 4.14
CA PRO E 91 -18.16 -1.15 4.57
C PRO E 91 -17.70 -0.15 3.49
N ASP E 92 -16.94 -0.60 2.51
CA ASP E 92 -16.51 0.32 1.44
C ASP E 92 -17.60 0.48 0.38
N GLU E 93 -18.76 -0.12 0.59
CA GLU E 93 -19.84 0.02 -0.38
C GLU E 93 -20.97 0.89 0.12
N ILE E 94 -20.93 1.22 1.41
CA ILE E 94 -21.99 2.03 2.00
C ILE E 94 -21.38 3.23 2.70
N TRP E 95 -22.21 4.21 3.02
CA TRP E 95 -21.74 5.33 3.84
C TRP E 95 -21.34 4.76 5.19
N THR E 96 -20.20 5.24 5.72
CA THR E 96 -19.79 5.00 7.10
C THR E 96 -19.46 6.36 7.77
N PRO E 97 -19.69 6.48 9.09
CA PRO E 97 -19.32 7.74 9.76
C PRO E 97 -17.81 7.97 9.73
N ASP E 98 -17.40 9.20 9.49
CA ASP E 98 -15.99 9.53 9.34
C ASP E 98 -15.34 9.71 10.72
N ILE E 99 -15.57 8.75 11.61
CA ILE E 99 -15.06 8.83 12.96
C ILE E 99 -13.54 8.62 13.00
N LYS E 100 -12.83 9.59 13.57
CA LYS E 100 -11.36 9.51 13.63
C LYS E 100 -10.84 9.42 15.04
N LEU E 101 -9.65 8.85 15.18
CA LEU E 101 -8.86 8.97 16.42
C LEU E 101 -8.05 10.26 16.30
N PHE E 102 -8.56 11.31 16.96
CA PHE E 102 -8.02 12.67 16.81
C PHE E 102 -6.60 12.74 17.30
N ASN E 103 -6.32 12.13 18.46
CA ASN E 103 -5.01 12.25 19.09
C ASN E 103 -4.05 11.16 18.64
N SER E 104 -4.35 10.55 17.51
CA SER E 104 -3.45 9.56 16.95
C SER E 104 -2.08 10.18 16.69
N VAL E 105 -1.06 9.40 16.97
CA VAL E 105 0.33 9.74 16.75
C VAL E 105 0.68 9.57 15.25
N ASP E 106 -0.06 8.70 14.57
CA ASP E 106 0.01 8.54 13.11
C ASP E 106 -1.15 9.32 12.52
N LEU E 107 -1.41 9.15 11.21
CA LEU E 107 -2.50 9.90 10.56
C LEU E 107 -3.84 9.68 11.23
N ASP E 108 -4.13 8.43 11.58
CA ASP E 108 -5.39 8.06 12.21
C ASP E 108 -5.20 6.67 12.80
N MET E 109 -6.17 6.22 13.58
CA MET E 109 -6.23 4.81 13.89
C MET E 109 -6.49 4.11 12.57
N THR E 110 -6.05 2.86 12.47
CA THR E 110 -6.36 2.05 11.31
C THR E 110 -7.43 1.04 11.68
N LEU E 111 -8.51 1.06 10.92
CA LEU E 111 -9.58 0.07 11.08
C LEU E 111 -9.43 -0.96 9.98
N ASP E 112 -9.71 -2.22 10.29
CA ASP E 112 -9.67 -3.27 9.28
C ASP E 112 -10.92 -3.18 8.44
N ARG E 113 -10.83 -2.50 7.30
CA ARG E 113 -12.00 -2.29 6.45
C ARG E 113 -12.36 -3.50 5.58
N THR E 114 -11.57 -4.56 5.64
CA THR E 114 -11.99 -5.81 4.98
C THR E 114 -13.11 -6.48 5.77
N THR E 115 -13.28 -6.08 7.02
CA THR E 115 -14.26 -6.65 7.93
C THR E 115 -15.67 -6.27 7.48
N GLN E 116 -16.56 -7.26 7.29
CA GLN E 116 -17.91 -6.97 6.84
C GLN E 116 -18.77 -6.35 7.93
N ALA E 117 -19.74 -5.56 7.52
CA ALA E 117 -20.76 -5.06 8.44
C ALA E 117 -22.04 -5.88 8.24
N ILE E 118 -22.95 -5.81 9.19
CA ILE E 118 -24.26 -6.48 9.07
C ILE E 118 -25.33 -5.40 9.00
N VAL E 119 -26.25 -5.50 8.05
CA VAL E 119 -27.35 -4.55 7.98
C VAL E 119 -28.67 -5.28 8.26
N PHE E 120 -29.47 -4.77 9.19
CA PHE E 120 -30.79 -5.39 9.41
C PHE E 120 -31.83 -4.69 8.55
N SER E 121 -32.97 -5.36 8.35
CA SER E 121 -34.01 -4.88 7.46
C SER E 121 -34.54 -3.50 7.82
N ASN E 122 -34.46 -3.12 9.10
CA ASN E 122 -34.90 -1.78 9.50
C ASN E 122 -33.86 -0.69 9.31
N GLY E 123 -32.73 -1.05 8.70
CA GLY E 123 -31.72 -0.07 8.32
C GLY E 123 -30.59 0.06 9.32
N THR E 124 -30.74 -0.64 10.43
CA THR E 124 -29.72 -0.66 11.46
C THR E 124 -28.48 -1.37 10.95
N VAL E 125 -27.36 -0.65 10.97
CA VAL E 125 -26.09 -1.19 10.56
C VAL E 125 -25.25 -1.52 11.79
N LEU E 126 -24.60 -2.67 11.78
CA LEU E 126 -23.67 -3.03 12.84
C LEU E 126 -22.32 -3.40 12.21
N TRP E 127 -21.26 -2.71 12.65
CA TRP E 127 -19.93 -2.88 12.06
C TRP E 127 -18.92 -2.89 13.19
N ILE E 128 -18.14 -3.96 13.25
CA ILE E 128 -17.27 -4.19 14.40
C ILE E 128 -15.81 -4.45 13.97
N PRO E 129 -15.14 -3.43 13.41
CA PRO E 129 -13.76 -3.73 12.95
C PRO E 129 -12.70 -3.80 14.05
N PRO E 130 -11.76 -4.74 13.91
CA PRO E 130 -10.53 -4.65 14.70
C PRO E 130 -9.77 -3.35 14.35
N ALA E 131 -8.98 -2.86 15.30
CA ALA E 131 -8.32 -1.58 15.12
C ALA E 131 -6.97 -1.56 15.84
N VAL E 132 -6.04 -0.79 15.29
CA VAL E 132 -4.78 -0.46 15.95
C VAL E 132 -4.75 1.04 16.31
N LEU E 133 -4.44 1.35 17.56
CA LEU E 133 -4.50 2.73 18.08
C LEU E 133 -3.15 3.12 18.69
N LYS E 134 -2.63 4.28 18.31
CA LYS E 134 -1.32 4.70 18.73
C LYS E 134 -1.45 6.13 19.29
N VAL E 135 -1.26 6.28 20.59
CA VAL E 135 -1.49 7.58 21.22
C VAL E 135 -0.35 7.98 22.14
N LEU E 136 -0.33 9.26 22.52
CA LEU E 136 0.64 9.75 23.50
C LEU E 136 0.20 9.40 24.91
N CYS E 137 1.12 8.90 25.72
CA CYS E 137 0.83 8.52 27.10
C CYS E 137 1.75 9.23 28.09
N VAL E 138 1.37 9.24 29.37
CA VAL E 138 2.23 9.72 30.44
C VAL E 138 2.72 8.54 31.26
N SER E 139 4.04 8.39 31.38
CA SER E 139 4.63 7.25 32.08
C SER E 139 5.35 7.70 33.34
N GLN E 140 4.65 7.59 34.47
CA GLN E 140 5.09 8.22 35.69
C GLN E 140 4.68 7.38 36.89
N ASP E 141 5.55 7.29 37.89
CA ASP E 141 5.25 6.60 39.14
C ASP E 141 4.68 5.19 38.91
N ASP E 142 5.31 4.45 38.00
CA ASP E 142 4.85 3.12 37.61
C ASP E 142 3.42 3.08 37.03
N VAL E 143 2.94 4.21 36.53
CA VAL E 143 1.65 4.26 35.84
C VAL E 143 1.77 4.84 34.44
N ASP E 144 1.18 4.15 33.47
CA ASP E 144 1.05 4.64 32.11
C ASP E 144 -0.40 5.07 31.89
N SER E 145 -0.61 6.38 31.76
CA SER E 145 -1.95 6.94 31.55
C SER E 145 -2.12 7.40 30.11
N CYS E 146 -3.10 6.82 29.42
CA CYS E 146 -3.33 7.12 28.02
C CYS E 146 -4.72 7.67 27.78
N HIS E 147 -4.84 8.57 26.81
CA HIS E 147 -6.14 9.11 26.40
C HIS E 147 -6.50 8.63 24.99
N PHE E 148 -7.79 8.42 24.75
CA PHE E 148 -8.23 8.18 23.39
C PHE E 148 -9.35 9.16 23.07
N GLN E 149 -9.21 9.87 21.96
CA GLN E 149 -10.19 10.87 21.55
C GLN E 149 -10.75 10.57 20.14
N PHE E 150 -12.06 10.32 20.08
CA PHE E 150 -12.77 9.95 18.86
C PHE E 150 -13.91 10.91 18.56
N GLY E 151 -14.17 11.09 17.27
CA GLY E 151 -15.36 11.79 16.84
C GLY E 151 -15.38 11.90 15.33
N SER E 152 -16.52 12.34 14.81
CA SER E 152 -16.67 12.63 13.38
C SER E 152 -15.79 13.83 13.02
N TRP E 153 -15.07 13.75 11.90
CA TRP E 153 -14.23 14.88 11.52
C TRP E 153 -15.06 16.09 11.05
N VAL E 154 -15.97 15.85 10.12
CA VAL E 154 -16.62 16.97 9.45
C VAL E 154 -18.05 17.25 9.92
N TYR E 155 -18.66 16.30 10.61
CA TYR E 155 -20.09 16.43 10.97
C TYR E 155 -20.34 16.91 12.41
N SER E 156 -21.21 17.91 12.55
CA SER E 156 -21.56 18.46 13.85
C SER E 156 -22.61 17.60 14.56
N VAL E 157 -22.94 17.98 15.80
CA VAL E 157 -23.96 17.32 16.60
C VAL E 157 -25.35 17.27 15.91
N ASP E 158 -25.66 18.24 15.07
CA ASP E 158 -26.96 18.23 14.38
C ASP E 158 -26.96 17.29 13.18
N GLU E 159 -25.82 16.65 12.91
CA GLU E 159 -25.70 15.78 11.75
C GLU E 159 -25.31 14.35 12.16
N VAL E 160 -24.23 14.23 12.91
CA VAL E 160 -23.80 12.96 13.47
C VAL E 160 -23.62 13.13 14.98
N ASP E 161 -24.36 12.33 15.75
CA ASP E 161 -24.25 12.31 17.21
C ASP E 161 -23.55 11.01 17.60
N ILE E 162 -22.93 10.99 18.77
CA ILE E 162 -22.31 9.75 19.25
C ILE E 162 -22.67 9.50 20.71
N HIS E 163 -23.04 8.26 21.02
CA HIS E 163 -23.27 7.86 22.39
C HIS E 163 -22.59 6.55 22.69
N PHE E 164 -22.27 6.32 23.96
CA PHE E 164 -21.60 5.10 24.36
C PHE E 164 -22.52 3.93 24.13
N MET E 165 -22.00 2.90 23.49
CA MET E 165 -22.77 1.69 23.24
C MET E 165 -23.12 1.06 24.59
N ASP E 166 -24.39 0.71 24.78
CA ASP E 166 -24.88 0.14 26.05
C ASP E 166 -24.76 1.09 27.24
N ASP E 167 -24.57 2.39 26.96
CA ASP E 167 -24.35 3.41 27.98
C ASP E 167 -23.12 3.20 28.86
N LYS E 168 -22.20 2.35 28.42
CA LYS E 168 -20.99 2.10 29.19
C LYS E 168 -19.93 3.14 28.86
N ALA E 169 -19.81 4.15 29.71
CA ALA E 169 -18.80 5.18 29.52
C ALA E 169 -17.45 4.70 30.06
N GLU E 170 -16.85 3.75 29.34
CA GLU E 170 -15.61 3.13 29.76
C GLU E 170 -15.07 2.27 28.64
N VAL E 171 -13.80 1.89 28.75
CA VAL E 171 -13.23 0.90 27.85
C VAL E 171 -13.79 -0.46 28.22
N LEU E 172 -14.32 -1.16 27.23
CA LEU E 172 -14.95 -2.45 27.46
C LEU E 172 -13.90 -3.55 27.50
N LEU E 173 -14.16 -4.57 28.32
CA LEU E 173 -13.19 -5.64 28.51
C LEU E 173 -13.68 -7.00 28.00
N ASP E 174 -14.74 -6.99 27.19
CA ASP E 174 -15.31 -8.24 26.68
C ASP E 174 -14.39 -8.99 25.70
N PHE E 175 -13.30 -8.33 25.28
CA PHE E 175 -12.33 -8.92 24.37
C PHE E 175 -10.94 -8.91 24.97
N TYR E 176 -10.84 -8.50 26.24
CA TYR E 176 -9.54 -8.26 26.85
C TYR E 176 -8.72 -9.53 27.04
N GLN E 177 -7.58 -9.59 26.36
CA GLN E 177 -6.70 -10.77 26.42
C GLN E 177 -5.31 -10.47 26.96
N ASP E 178 -5.15 -9.38 27.69
CA ASP E 178 -3.81 -9.06 28.18
C ASP E 178 -3.68 -9.47 29.65
N SER E 179 -2.48 -9.38 30.19
CA SER E 179 -2.24 -9.66 31.60
C SER E 179 -2.08 -8.37 32.42
N LEU E 180 -2.25 -7.22 31.77
CA LEU E 180 -2.01 -5.93 32.41
C LEU E 180 -3.05 -5.56 33.45
N GLU E 181 -2.58 -4.88 34.50
CA GLU E 181 -3.44 -4.42 35.57
C GLU E 181 -3.98 -3.04 35.20
N ILE E 182 -5.30 -2.92 35.14
CA ILE E 182 -5.95 -1.66 34.81
C ILE E 182 -6.25 -0.81 36.06
N LEU E 183 -5.61 0.35 36.15
CA LEU E 183 -5.71 1.21 37.32
C LEU E 183 -6.88 2.20 37.23
N GLU E 184 -7.03 2.82 36.07
CA GLU E 184 -8.08 3.80 35.86
C GLU E 184 -8.77 3.47 34.55
N ASN E 185 -10.08 3.68 34.49
CA ASN E 185 -10.85 3.39 33.28
C ASN E 185 -12.15 4.17 33.29
N SER E 186 -12.17 5.26 32.54
CA SER E 186 -13.36 6.09 32.43
C SER E 186 -13.39 6.80 31.08
N ALA E 187 -14.55 7.35 30.75
CA ALA E 187 -14.71 8.00 29.46
C ALA E 187 -15.79 9.03 29.58
N GLN E 188 -15.93 9.85 28.55
CA GLN E 188 -16.83 11.01 28.66
C GLN E 188 -17.21 11.54 27.28
N ARG E 189 -18.51 11.72 27.07
CA ARG E 189 -19.05 12.31 25.85
C ARG E 189 -19.07 13.85 25.96
N GLN E 190 -18.25 14.51 25.15
CA GLN E 190 -18.16 15.97 25.15
C GLN E 190 -18.76 16.56 23.88
N GLU E 191 -19.35 17.74 24.01
CA GLU E 191 -19.72 18.52 22.85
C GLU E 191 -18.79 19.73 22.76
N VAL E 192 -18.02 19.78 21.67
CA VAL E 192 -16.89 20.69 21.59
C VAL E 192 -17.00 21.70 20.44
N VAL E 193 -16.93 22.98 20.77
CA VAL E 193 -16.97 24.05 19.77
C VAL E 193 -15.55 24.36 19.29
N TYR E 194 -15.41 24.56 17.99
CA TYR E 194 -14.10 24.86 17.43
C TYR E 194 -13.96 26.28 16.88
N PRO E 195 -12.73 26.82 16.91
CA PRO E 195 -12.44 28.15 16.38
C PRO E 195 -12.32 28.18 14.85
N CYS E 196 -11.90 27.06 14.25
CA CYS E 196 -11.75 26.99 12.80
C CYS E 196 -13.11 26.94 12.11
N CYS E 197 -14.15 26.66 12.89
CA CYS E 197 -15.42 26.20 12.35
C CYS E 197 -16.62 26.79 13.09
N GLU E 198 -17.81 26.23 12.85
CA GLU E 198 -19.07 26.85 13.26
C GLU E 198 -19.77 26.24 14.48
N SER E 199 -20.27 25.01 14.36
CA SER E 199 -21.18 24.47 15.39
C SER E 199 -20.47 23.64 16.47
N ALA E 200 -21.19 22.69 17.04
CA ALA E 200 -20.62 21.85 18.09
C ALA E 200 -20.42 20.43 17.58
N TYR E 201 -19.33 19.81 18.04
CA TYR E 201 -18.93 18.49 17.59
C TYR E 201 -18.86 17.52 18.76
N VAL E 202 -19.34 16.30 18.53
CA VAL E 202 -19.35 15.27 19.55
C VAL E 202 -18.03 14.50 19.58
N GLU E 203 -17.41 14.46 20.75
CA GLU E 203 -16.17 13.74 20.96
C GLU E 203 -16.29 12.78 22.16
N MET E 204 -15.78 11.56 21.97
CA MET E 204 -15.71 10.58 23.04
C MET E 204 -14.28 10.57 23.57
N LYS E 205 -14.08 10.90 24.85
CA LYS E 205 -12.74 10.92 25.42
C LYS E 205 -12.53 9.87 26.49
N TYR E 206 -11.65 8.91 26.20
CA TYR E 206 -11.37 7.80 27.10
C TYR E 206 -10.08 8.02 27.89
N LEU E 207 -10.10 7.63 29.16
CA LEU E 207 -8.90 7.67 29.97
C LEU E 207 -8.60 6.27 30.47
N LEU E 208 -7.39 5.80 30.19
CA LEU E 208 -6.99 4.46 30.59
C LEU E 208 -5.63 4.47 31.25
N ALA E 209 -5.57 4.01 32.49
CA ALA E 209 -4.29 3.88 33.18
C ALA E 209 -3.98 2.41 33.46
N LEU E 210 -2.76 2.03 33.14
CA LEU E 210 -2.28 0.66 33.26
C LEU E 210 -1.09 0.63 34.19
N ARG E 211 -0.90 -0.50 34.87
CA ARG E 211 0.31 -0.73 35.64
C ARG E 211 1.46 -1.12 34.71
N SER E 212 2.61 -0.49 34.91
CA SER E 212 3.79 -0.77 34.10
C SER E 212 4.50 -2.06 34.56
#